data_5CBB
#
_entry.id   5CBB
#
_cell.length_a   80.821
_cell.length_b   80.821
_cell.length_c   225.988
_cell.angle_alpha   90.00
_cell.angle_beta   90.00
_cell.angle_gamma   90.00
#
_symmetry.space_group_name_H-M   'P 43 21 2'
#
loop_
_entity.id
_entity.type
_entity.pdbx_description
1 polymer 'Malate synthase G'
2 non-polymer 'MAGNESIUM ION'
3 non-polymer '(5E)-5-(3H-indol-3-ylidene)-2,5-dihydro-1H-pyrazole-3-carboxylic acid'
4 water water
#
_entity_poly.entity_id   1
_entity_poly.type   'polypeptide(L)'
_entity_poly.pdbx_seq_one_letter_code
;MTDRVSVGNLRIARVLYDFVNNEALPGTDIDPDSFWAGVDKVVADLTPQNQALLNARDELQAQIDKWHRRRVIEPIDMDA
YRQFLTEIGYLLPEPDDFTITTSGVDAEITTTAGPQLVVPVLNARFALNAANARWGSLYDALYGTDVIPETDGAEKGPTY
NKVRGDKVIAYARKFLDDSVPLSSGSFGDATGFTVQDGQLVVALPDKSTGLANPGQFAGYTGAAESPTSVLLINHGLHIE
ILIDPESQVGTTDRAGVKDVILESAITTIMDFEDSVAAVDAADKVLGYRNWLGLNKGDLAAAVDKDGTAFLRVLNRDRNY
TAPGGGQFTLPGRSLMFVRNVGHLMTNDAIVDTDGSEVFEGIMDALFTGLIAIHGLKASDVNGPLINSRTGSIYIVKPKM
HGPAEVAFTCELFSRVEDVLGLPQNTMKIGIMDEERRTTVNLKACIKAAADRVVFINTGFLDRTGDEIHTSMEAGPMVRK
GTMKSQPWILAYEDHNVDAGLAAGFSGRAQVGKGMWTMTELMADMVETKIAQPRAGASTAWVPSPTAATLHALHYHQVDV
AAVQQGLAGKRRATIEQLLTIPLAKELAWAPDEIREEVDNNCQSILGYVVRWVDQGVGASKVPDIHDVALMEDRATLRIS
SQLLANWLRHGVITSADVRASLERMAPLVDRQNAGDVAYRPMAPNFDDSIAFLAAQELILSGAQQPNGYTEPILHRRRRE
FKARAAEKPAPSDRAGDDAAR
;
_entity_poly.pdbx_strand_id   A
#
loop_
_chem_comp.id
_chem_comp.type
_chem_comp.name
_chem_comp.formula
4ZF non-polymer '(5E)-5-(3H-indol-3-ylidene)-2,5-dihydro-1H-pyrazole-3-carboxylic acid' 'C12 H9 N3 O2'
MG non-polymer 'MAGNESIUM ION' 'Mg 2'
#
# COMPACT_ATOMS: atom_id res chain seq x y z
N THR A 2 -18.55 26.78 -5.79
CA THR A 2 -19.82 27.45 -5.59
C THR A 2 -20.91 26.40 -5.34
N ASP A 3 -22.10 26.84 -4.94
CA ASP A 3 -23.27 25.99 -4.81
C ASP A 3 -23.14 24.88 -3.77
N ARG A 4 -23.71 25.16 -2.60
CA ARG A 4 -23.61 24.30 -1.42
C ARG A 4 -24.93 24.11 -0.69
N VAL A 5 -25.05 22.99 0.01
CA VAL A 5 -26.19 22.69 0.86
C VAL A 5 -25.84 22.99 2.32
N SER A 6 -26.61 23.88 2.95
CA SER A 6 -26.33 24.25 4.35
C SER A 6 -26.89 23.22 5.31
N VAL A 7 -26.02 22.65 6.15
CA VAL A 7 -26.48 21.80 7.24
C VAL A 7 -25.78 22.21 8.52
N GLY A 8 -26.51 22.91 9.39
CA GLY A 8 -25.94 23.48 10.60
C GLY A 8 -24.82 24.42 10.24
N ASN A 9 -23.63 24.14 10.76
CA ASN A 9 -22.47 25.00 10.49
C ASN A 9 -21.75 24.62 9.19
N LEU A 10 -22.26 23.60 8.50
CA LEU A 10 -21.59 23.07 7.32
C LEU A 10 -22.22 23.52 6.01
N ARG A 11 -21.35 23.87 5.05
CA ARG A 11 -21.78 24.18 3.69
C ARG A 11 -21.20 23.12 2.76
N ILE A 12 -22.01 22.11 2.48
CA ILE A 12 -21.64 20.93 1.73
C ILE A 12 -21.78 21.11 0.23
N ALA A 13 -20.68 20.89 -0.49
CA ALA A 13 -20.70 20.88 -1.95
C ALA A 13 -21.82 20.00 -2.48
N ARG A 14 -22.61 20.56 -3.41
CA ARG A 14 -23.81 19.89 -3.90
C ARG A 14 -23.51 18.50 -4.46
N VAL A 15 -22.46 18.38 -5.26
CA VAL A 15 -22.12 17.07 -5.83
C VAL A 15 -21.93 16.03 -4.73
N LEU A 16 -21.27 16.40 -3.63
CA LEU A 16 -21.09 15.48 -2.52
C LEU A 16 -22.43 15.15 -1.87
N TYR A 17 -23.21 16.19 -1.59
CA TYR A 17 -24.53 16.02 -0.98
C TYR A 17 -25.43 15.06 -1.78
N ASP A 18 -25.52 15.28 -3.08
CA ASP A 18 -26.31 14.43 -3.95
C ASP A 18 -25.83 12.98 -3.93
N PHE A 19 -24.51 12.80 -4.03
CA PHE A 19 -23.90 11.47 -4.03
C PHE A 19 -24.25 10.69 -2.78
N VAL A 20 -24.11 11.32 -1.62
CA VAL A 20 -24.44 10.60 -0.39
C VAL A 20 -25.91 10.18 -0.30
N ASN A 21 -26.84 11.11 -0.58
CA ASN A 21 -28.27 10.81 -0.47
C ASN A 21 -28.76 9.83 -1.53
N ASN A 22 -28.36 10.06 -2.77
CA ASN A 22 -28.90 9.29 -3.88
C ASN A 22 -28.19 7.95 -4.11
N GLU A 23 -26.89 7.90 -3.79
CA GLU A 23 -26.08 6.72 -4.06
C GLU A 23 -25.58 6.01 -2.78
N ALA A 24 -24.98 6.76 -1.87
CA ALA A 24 -24.35 6.14 -0.72
C ALA A 24 -25.36 5.66 0.33
N LEU A 25 -26.22 6.58 0.77
CA LEU A 25 -27.17 6.26 1.85
C LEU A 25 -28.19 5.13 1.61
N PRO A 26 -28.81 5.06 0.41
CA PRO A 26 -29.88 4.05 0.25
C PRO A 26 -29.41 2.61 0.44
N GLY A 27 -30.13 1.87 1.27
CA GLY A 27 -29.76 0.51 1.61
C GLY A 27 -29.08 0.38 2.97
N THR A 28 -28.60 1.50 3.50
CA THR A 28 -27.91 1.48 4.79
C THR A 28 -28.88 1.67 5.95
N ASP A 29 -30.15 1.95 5.63
CA ASP A 29 -31.19 2.20 6.62
C ASP A 29 -30.80 3.29 7.62
N ILE A 30 -30.03 4.25 7.15
CA ILE A 30 -29.67 5.41 7.94
C ILE A 30 -30.45 6.60 7.41
N ASP A 31 -31.10 7.32 8.31
CA ASP A 31 -31.92 8.45 7.92
C ASP A 31 -31.03 9.59 7.44
N PRO A 32 -31.26 10.05 6.21
CA PRO A 32 -30.39 11.06 5.61
C PRO A 32 -30.26 12.32 6.46
N ASP A 33 -31.37 12.80 7.00
CA ASP A 33 -31.36 13.97 7.87
C ASP A 33 -30.46 13.74 9.08
N SER A 34 -30.61 12.57 9.71
CA SER A 34 -29.82 12.22 10.89
C SER A 34 -28.33 12.11 10.56
N PHE A 35 -28.01 11.54 9.40
CA PHE A 35 -26.63 11.35 8.99
C PHE A 35 -25.95 12.70 8.88
N TRP A 36 -26.62 13.65 8.23
CA TRP A 36 -26.02 14.96 8.03
C TRP A 36 -25.89 15.76 9.31
N ALA A 37 -26.80 15.55 10.25
CA ALA A 37 -26.69 16.15 11.57
C ALA A 37 -25.48 15.55 12.28
N GLY A 38 -25.32 14.24 12.15
CA GLY A 38 -24.19 13.51 12.69
C GLY A 38 -22.88 14.05 12.17
N VAL A 39 -22.83 14.29 10.88
CA VAL A 39 -21.66 14.87 10.24
C VAL A 39 -21.34 16.24 10.86
N ASP A 40 -22.34 17.11 10.85
CA ASP A 40 -22.20 18.44 11.42
C ASP A 40 -21.65 18.38 12.86
N LYS A 41 -22.16 17.43 13.63
CA LYS A 41 -21.84 17.29 15.04
C LYS A 41 -20.40 16.77 15.26
N VAL A 42 -20.13 15.60 14.69
CA VAL A 42 -18.78 15.01 14.72
C VAL A 42 -17.74 16.03 14.29
N VAL A 43 -18.00 16.73 13.19
CA VAL A 43 -17.05 17.72 12.69
C VAL A 43 -16.82 18.86 13.69
N ALA A 44 -17.91 19.35 14.28
CA ALA A 44 -17.79 20.44 15.25
C ALA A 44 -17.03 19.98 16.49
N ASP A 45 -17.34 18.78 16.97
CA ASP A 45 -16.74 18.25 18.20
C ASP A 45 -15.27 17.91 18.07
N LEU A 46 -14.90 17.23 16.98
CA LEU A 46 -13.55 16.71 16.86
C LEU A 46 -12.55 17.63 16.16
N THR A 47 -13.03 18.65 15.45
CA THR A 47 -12.15 19.60 14.76
C THR A 47 -11.07 20.30 15.64
N PRO A 48 -11.45 20.81 16.84
CA PRO A 48 -10.44 21.38 17.74
C PRO A 48 -9.30 20.43 18.09
N GLN A 49 -9.63 19.20 18.44
CA GLN A 49 -8.63 18.18 18.76
C GLN A 49 -7.68 17.99 17.61
N ASN A 50 -8.26 17.67 16.45
CA ASN A 50 -7.54 17.56 15.19
C ASN A 50 -6.58 18.73 15.00
N GLN A 51 -7.07 19.94 15.28
CA GLN A 51 -6.21 21.11 15.14
C GLN A 51 -5.12 21.15 16.21
N ALA A 52 -5.49 20.76 17.43
CA ALA A 52 -4.57 20.77 18.55
C ALA A 52 -3.37 19.86 18.27
N LEU A 53 -3.65 18.67 17.73
CA LEU A 53 -2.60 17.71 17.39
C LEU A 53 -1.68 18.29 16.32
N LEU A 54 -2.26 18.86 15.27
CA LEU A 54 -1.45 19.45 14.21
C LEU A 54 -0.55 20.57 14.72
N ASN A 55 -1.04 21.31 15.71
CA ASN A 55 -0.25 22.40 16.27
C ASN A 55 0.88 21.83 17.12
N ALA A 56 0.59 20.75 17.83
CA ALA A 56 1.59 20.08 18.65
C ALA A 56 2.79 19.58 17.84
N ARG A 57 2.56 19.22 16.58
CA ARG A 57 3.65 18.75 15.72
C ARG A 57 4.59 19.92 15.45
N ASP A 58 3.99 21.06 15.11
CA ASP A 58 4.76 22.26 14.74
C ASP A 58 5.63 22.74 15.89
N GLU A 59 5.06 22.67 17.09
CA GLU A 59 5.74 23.06 18.33
C GLU A 59 6.94 22.16 18.59
N LEU A 60 6.70 20.85 18.59
CA LEU A 60 7.76 19.87 18.75
C LEU A 60 8.87 20.13 17.75
N GLN A 61 8.49 20.30 16.49
CA GLN A 61 9.49 20.48 15.45
C GLN A 61 10.31 21.76 15.66
N ALA A 62 9.65 22.77 16.24
CA ALA A 62 10.30 24.06 16.46
C ALA A 62 11.37 23.93 17.52
N GLN A 63 11.06 23.19 18.57
CA GLN A 63 12.02 22.93 19.64
C GLN A 63 13.21 22.12 19.14
N ILE A 64 12.94 21.09 18.35
CA ILE A 64 14.01 20.26 17.80
C ILE A 64 14.89 21.09 16.88
N ASP A 65 14.29 22.04 16.17
CA ASP A 65 15.07 22.90 15.30
C ASP A 65 16.06 23.76 16.10
N LYS A 66 15.57 24.39 17.17
CA LYS A 66 16.38 25.31 17.97
C LYS A 66 17.50 24.55 18.65
N TRP A 67 17.15 23.37 19.15
CA TRP A 67 18.10 22.52 19.84
C TRP A 67 19.30 22.23 18.95
N HIS A 68 19.03 21.86 17.70
CA HIS A 68 20.13 21.57 16.78
C HIS A 68 20.98 22.81 16.49
N ARG A 69 20.35 23.98 16.44
CA ARG A 69 21.08 25.20 16.12
C ARG A 69 21.97 25.71 17.26
N ARG A 70 21.83 25.13 18.44
CA ARG A 70 22.63 25.54 19.60
C ARG A 70 23.69 24.51 20.02
N ARG A 71 24.05 23.59 19.13
CA ARG A 71 25.08 22.61 19.47
C ARG A 71 26.48 23.24 19.44
N ILE A 76 27.80 14.54 18.17
CA ILE A 76 26.54 14.88 18.83
C ILE A 76 26.28 13.97 20.03
N ASP A 77 25.87 14.57 21.14
CA ASP A 77 25.64 13.83 22.38
C ASP A 77 24.24 13.22 22.41
N MET A 78 24.17 11.94 22.05
CA MET A 78 22.88 11.26 21.94
CA MET A 78 22.93 11.16 21.96
C MET A 78 22.23 11.05 23.31
N ASP A 79 23.01 11.08 24.38
CA ASP A 79 22.44 10.98 25.72
C ASP A 79 21.63 12.24 26.05
N ALA A 80 22.13 13.40 25.65
CA ALA A 80 21.42 14.64 25.94
C ALA A 80 20.22 14.80 25.02
N TYR A 81 20.44 14.48 23.74
CA TYR A 81 19.40 14.47 22.72
C TYR A 81 18.18 13.67 23.19
N ARG A 82 18.42 12.43 23.57
CA ARG A 82 17.33 11.56 24.01
C ARG A 82 16.58 12.13 25.20
N GLN A 83 17.30 12.70 26.15
CA GLN A 83 16.69 13.31 27.32
C GLN A 83 15.84 14.52 26.95
N PHE A 84 16.31 15.25 25.96
CA PHE A 84 15.56 16.40 25.43
C PHE A 84 14.24 15.94 24.82
N LEU A 85 14.29 14.91 23.98
CA LEU A 85 13.08 14.35 23.39
C LEU A 85 12.09 13.90 24.45
N THR A 86 12.63 13.39 25.56
CA THR A 86 11.79 12.95 26.65
C THR A 86 11.16 14.17 27.33
N GLU A 87 11.99 15.17 27.62
CA GLU A 87 11.50 16.36 28.30
C GLU A 87 10.38 17.07 27.52
N ILE A 88 10.53 17.18 26.20
CA ILE A 88 9.51 17.89 25.42
C ILE A 88 8.28 17.06 25.09
N GLY A 89 8.28 15.79 25.50
CA GLY A 89 7.08 14.97 25.35
C GLY A 89 6.98 14.31 23.98
N TYR A 90 8.13 14.26 23.31
CA TYR A 90 8.30 13.61 22.01
C TYR A 90 8.55 12.11 22.21
N LEU A 91 9.42 11.78 23.15
CA LEU A 91 9.65 10.40 23.53
C LEU A 91 8.83 10.14 24.78
N LEU A 92 7.80 9.31 24.66
CA LEU A 92 6.98 9.00 25.81
C LEU A 92 7.45 7.68 26.43
N PRO A 93 7.13 7.46 27.70
CA PRO A 93 7.56 6.22 28.37
C PRO A 93 6.88 4.97 27.80
N GLU A 94 7.65 3.91 27.61
CA GLU A 94 7.14 2.67 27.02
C GLU A 94 6.23 1.91 27.99
N PRO A 95 5.00 1.63 27.57
CA PRO A 95 4.01 0.90 28.39
C PRO A 95 4.44 -0.55 28.68
N ASP A 96 3.82 -1.13 29.70
CA ASP A 96 4.06 -2.52 30.07
C ASP A 96 3.54 -3.41 28.95
N ASP A 97 4.07 -4.62 28.86
CA ASP A 97 3.64 -5.57 27.84
C ASP A 97 2.14 -5.83 27.88
N PHE A 98 1.55 -5.98 26.71
CA PHE A 98 0.12 -6.24 26.60
C PHE A 98 -0.09 -7.07 25.33
N THR A 99 -1.29 -7.59 25.16
CA THR A 99 -1.68 -8.30 23.95
C THR A 99 -2.94 -7.63 23.42
N ILE A 100 -3.00 -7.37 22.11
CA ILE A 100 -4.18 -6.77 21.52
C ILE A 100 -5.43 -7.64 21.72
N THR A 101 -6.60 -7.01 21.65
CA THR A 101 -7.87 -7.69 21.91
C THR A 101 -8.90 -7.64 20.77
N THR A 102 -8.54 -6.97 19.67
CA THR A 102 -9.39 -6.89 18.48
C THR A 102 -10.11 -8.20 18.14
N SER A 103 -11.42 -8.11 17.88
CA SER A 103 -12.22 -9.29 17.52
C SER A 103 -12.98 -9.04 16.21
N GLY A 104 -13.68 -10.06 15.73
CA GLY A 104 -14.40 -9.94 14.46
C GLY A 104 -13.48 -9.62 13.29
N VAL A 105 -12.29 -10.21 13.28
CA VAL A 105 -11.35 -9.98 12.17
C VAL A 105 -11.30 -11.18 11.24
N ASP A 106 -11.30 -10.91 9.94
CA ASP A 106 -11.30 -11.95 8.92
C ASP A 106 -10.01 -12.78 8.89
N ALA A 107 -10.10 -14.00 8.36
CA ALA A 107 -8.99 -14.95 8.35
C ALA A 107 -7.83 -14.46 7.50
N GLU A 108 -8.14 -13.70 6.46
CA GLU A 108 -7.14 -13.17 5.56
C GLU A 108 -6.09 -12.36 6.33
N ILE A 109 -6.52 -11.84 7.48
CA ILE A 109 -5.69 -10.93 8.27
C ILE A 109 -5.08 -11.62 9.48
N THR A 110 -5.87 -12.45 10.15
CA THR A 110 -5.44 -13.04 11.41
C THR A 110 -4.50 -14.19 11.18
N THR A 111 -4.70 -14.92 10.08
CA THR A 111 -3.99 -16.19 9.94
C THR A 111 -3.11 -16.28 8.70
N THR A 112 -3.64 -15.80 7.58
CA THR A 112 -2.99 -15.99 6.29
C THR A 112 -1.86 -14.98 6.06
N ALA A 113 -0.71 -15.46 5.63
CA ALA A 113 0.36 -14.57 5.20
C ALA A 113 0.46 -14.61 3.68
N GLY A 114 0.57 -13.44 3.05
CA GLY A 114 0.65 -13.36 1.61
C GLY A 114 0.71 -11.92 1.13
N PRO A 115 0.81 -11.74 -0.20
CA PRO A 115 0.91 -10.42 -0.81
C PRO A 115 -0.28 -9.50 -0.49
N GLN A 116 -0.05 -8.20 -0.64
CA GLN A 116 -1.08 -7.19 -0.44
C GLN A 116 -0.86 -6.06 -1.44
N LEU A 117 -1.90 -5.83 -2.23
CA LEU A 117 -1.89 -4.90 -3.34
C LEU A 117 -2.38 -3.53 -2.88
N VAL A 118 -1.82 -2.46 -3.45
CA VAL A 118 -2.29 -1.11 -3.14
C VAL A 118 -2.58 -0.35 -4.44
N VAL A 119 -3.83 0.12 -4.59
CA VAL A 119 -4.25 0.69 -5.87
C VAL A 119 -4.98 2.02 -5.67
N PRO A 120 -4.72 3.01 -6.56
CA PRO A 120 -5.43 4.29 -6.50
C PRO A 120 -6.91 4.14 -6.80
N VAL A 121 -7.75 4.48 -5.82
CA VAL A 121 -9.19 4.22 -5.91
C VAL A 121 -9.89 4.94 -7.07
N LEU A 122 -9.33 6.07 -7.52
CA LEU A 122 -9.93 6.82 -8.63
C LEU A 122 -9.81 6.11 -9.97
N ASN A 123 -9.00 5.06 -10.02
CA ASN A 123 -8.88 4.28 -11.23
C ASN A 123 -9.70 3.00 -11.12
N ALA A 124 -10.92 3.03 -11.66
CA ALA A 124 -11.85 1.90 -11.48
C ALA A 124 -11.33 0.61 -12.09
N ARG A 125 -10.63 0.75 -13.21
CA ARG A 125 -10.05 -0.37 -13.94
C ARG A 125 -9.03 -1.08 -13.08
N PHE A 126 -8.08 -0.31 -12.57
CA PHE A 126 -7.03 -0.87 -11.73
C PHE A 126 -7.66 -1.44 -10.47
N ALA A 127 -8.68 -0.76 -9.95
CA ALA A 127 -9.34 -1.19 -8.71
C ALA A 127 -10.05 -2.51 -8.92
N LEU A 128 -10.62 -2.68 -10.10
CA LEU A 128 -11.35 -3.90 -10.42
C LEU A 128 -10.39 -5.08 -10.53
N ASN A 129 -9.28 -4.84 -11.22
CA ASN A 129 -8.26 -5.87 -11.40
C ASN A 129 -7.68 -6.33 -10.08
N ALA A 130 -7.53 -5.38 -9.15
CA ALA A 130 -6.96 -5.68 -7.85
C ALA A 130 -7.88 -6.60 -7.07
N ALA A 131 -9.17 -6.27 -7.02
CA ALA A 131 -10.14 -7.10 -6.31
C ALA A 131 -10.17 -8.53 -6.86
N ASN A 132 -9.95 -8.67 -8.17
CA ASN A 132 -9.92 -9.99 -8.79
C ASN A 132 -8.55 -10.68 -8.75
N ALA A 133 -7.57 -10.04 -8.13
CA ALA A 133 -6.21 -10.59 -8.10
C ALA A 133 -5.95 -11.49 -6.89
N ARG A 134 -7.01 -11.90 -6.22
CA ARG A 134 -6.91 -12.90 -5.18
C ARG A 134 -6.38 -14.19 -5.82
N TRP A 135 -6.65 -14.34 -7.11
CA TRP A 135 -6.24 -15.52 -7.87
C TRP A 135 -5.58 -15.05 -9.15
N GLY A 136 -4.40 -15.62 -9.45
CA GLY A 136 -3.66 -15.20 -10.63
C GLY A 136 -2.94 -16.35 -11.29
N SER A 137 -2.77 -16.26 -12.59
CA SER A 137 -2.06 -17.29 -13.34
C SER A 137 -0.56 -17.15 -13.21
N LEU A 138 0.06 -18.19 -12.68
CA LEU A 138 1.52 -18.24 -12.60
C LEU A 138 2.12 -18.20 -14.02
N TYR A 139 1.52 -18.94 -14.95
CA TYR A 139 2.06 -19.01 -16.30
C TYR A 139 2.11 -17.63 -16.93
N ASP A 140 1.00 -16.91 -16.89
CA ASP A 140 0.97 -15.56 -17.43
C ASP A 140 2.03 -14.66 -16.79
N ALA A 141 2.16 -14.76 -15.47
CA ALA A 141 3.13 -13.94 -14.76
C ALA A 141 4.56 -14.26 -15.17
N LEU A 142 4.89 -15.56 -15.27
CA LEU A 142 6.23 -15.99 -15.68
C LEU A 142 6.50 -15.62 -17.14
N TYR A 143 5.59 -16.00 -18.04
CA TYR A 143 5.72 -15.69 -19.46
C TYR A 143 5.79 -14.19 -19.75
N GLY A 144 4.96 -13.40 -19.07
CA GLY A 144 4.83 -11.99 -19.38
C GLY A 144 5.97 -11.13 -18.87
N THR A 145 6.76 -11.65 -17.94
CA THR A 145 7.81 -10.84 -17.32
C THR A 145 9.19 -11.43 -17.50
N ASP A 146 10.20 -10.71 -17.03
CA ASP A 146 11.59 -11.13 -17.17
C ASP A 146 12.03 -12.18 -16.13
N VAL A 147 11.08 -12.78 -15.45
CA VAL A 147 11.42 -13.88 -14.56
C VAL A 147 12.00 -15.02 -15.40
N ILE A 148 11.39 -15.31 -16.55
CA ILE A 148 12.00 -16.22 -17.52
C ILE A 148 12.81 -15.36 -18.47
N PRO A 149 14.14 -15.56 -18.51
CA PRO A 149 14.99 -14.73 -19.37
C PRO A 149 14.58 -14.91 -20.82
N GLU A 150 14.81 -13.92 -21.65
CA GLU A 150 14.38 -14.01 -23.04
C GLU A 150 15.45 -14.46 -23.95
N THR A 151 16.41 -15.17 -23.42
CA THR A 151 17.57 -15.56 -24.13
C THR A 151 17.61 -16.63 -25.18
N ASP A 152 17.77 -17.84 -24.75
CA ASP A 152 17.97 -18.96 -25.65
C ASP A 152 16.77 -19.28 -26.54
N GLY A 153 16.35 -18.29 -27.32
CA GLY A 153 15.20 -18.42 -28.20
C GLY A 153 13.88 -18.24 -27.48
N ALA A 154 13.93 -17.65 -26.28
CA ALA A 154 12.75 -17.52 -25.45
C ALA A 154 12.25 -16.08 -25.36
N GLU A 155 12.47 -15.31 -26.42
CA GLU A 155 12.06 -13.91 -26.44
C GLU A 155 10.57 -13.83 -26.74
N LYS A 156 9.92 -12.80 -26.20
CA LYS A 156 8.49 -12.61 -26.44
C LYS A 156 8.28 -11.96 -27.82
N GLY A 157 7.14 -12.23 -28.43
CA GLY A 157 6.86 -11.68 -29.73
C GLY A 157 5.37 -11.45 -29.92
N PRO A 158 4.97 -10.98 -31.11
CA PRO A 158 3.56 -10.80 -31.45
C PRO A 158 2.79 -12.09 -31.24
N THR A 159 3.46 -13.22 -31.44
CA THR A 159 2.84 -14.52 -31.23
C THR A 159 3.47 -15.30 -30.08
N TYR A 160 2.74 -16.30 -29.59
CA TYR A 160 3.22 -17.21 -28.56
C TYR A 160 4.50 -17.90 -28.99
N ASN A 161 5.44 -17.95 -28.07
CA ASN A 161 6.71 -18.65 -28.26
C ASN A 161 6.73 -19.92 -27.39
N LYS A 162 6.65 -21.08 -28.04
CA LYS A 162 6.57 -22.33 -27.29
C LYS A 162 7.85 -22.68 -26.53
N VAL A 163 9.00 -22.21 -27.01
CA VAL A 163 10.25 -22.44 -26.28
C VAL A 163 10.17 -21.72 -24.93
N ARG A 164 9.63 -20.50 -24.95
CA ARG A 164 9.45 -19.73 -23.73
C ARG A 164 8.37 -20.37 -22.84
N GLY A 165 7.33 -20.90 -23.48
CA GLY A 165 6.29 -21.59 -22.74
C GLY A 165 6.81 -22.78 -21.97
N ASP A 166 7.74 -23.51 -22.57
CA ASP A 166 8.27 -24.71 -21.93
C ASP A 166 9.06 -24.35 -20.68
N LYS A 167 9.78 -23.23 -20.75
CA LYS A 167 10.51 -22.74 -19.60
C LYS A 167 9.54 -22.32 -18.50
N VAL A 168 8.44 -21.69 -18.88
CA VAL A 168 7.40 -21.36 -17.92
C VAL A 168 6.91 -22.64 -17.22
N ILE A 169 6.54 -23.63 -18.02
CA ILE A 169 6.08 -24.91 -17.47
C ILE A 169 7.08 -25.53 -16.51
N ALA A 170 8.34 -25.58 -16.93
CA ALA A 170 9.39 -26.14 -16.09
C ALA A 170 9.57 -25.40 -14.77
N TYR A 171 9.54 -24.08 -14.82
CA TYR A 171 9.70 -23.26 -13.63
C TYR A 171 8.56 -23.64 -12.66
N ALA A 172 7.34 -23.65 -13.18
CA ALA A 172 6.14 -24.03 -12.42
C ALA A 172 6.22 -25.45 -11.85
N ARG A 173 6.72 -26.39 -12.65
CA ARG A 173 6.86 -27.77 -12.21
C ARG A 173 7.80 -27.85 -11.02
N LYS A 174 8.89 -27.10 -11.08
CA LYS A 174 9.83 -27.06 -9.97
C LYS A 174 9.24 -26.42 -8.72
N PHE A 175 8.48 -25.33 -8.91
CA PHE A 175 7.79 -24.68 -7.81
C PHE A 175 6.90 -25.66 -7.05
N LEU A 176 6.16 -26.47 -7.81
CA LEU A 176 5.30 -27.50 -7.21
C LEU A 176 6.11 -28.48 -6.38
N ASP A 177 7.28 -28.83 -6.87
CA ASP A 177 8.16 -29.73 -6.14
C ASP A 177 8.58 -29.14 -4.79
N ASP A 178 8.94 -27.86 -4.80
CA ASP A 178 9.39 -27.19 -3.58
C ASP A 178 8.25 -26.93 -2.58
N SER A 179 7.02 -26.88 -3.07
CA SER A 179 5.91 -26.41 -2.23
C SER A 179 5.05 -27.55 -1.72
N VAL A 180 4.77 -28.50 -2.61
CA VAL A 180 3.93 -29.63 -2.28
C VAL A 180 4.66 -30.87 -2.76
N PRO A 181 5.70 -31.30 -2.02
CA PRO A 181 6.56 -32.34 -2.56
C PRO A 181 5.88 -33.71 -2.60
N LEU A 182 6.23 -34.51 -3.60
CA LEU A 182 5.77 -35.89 -3.71
C LEU A 182 6.64 -36.79 -2.84
N SER A 183 6.06 -37.88 -2.32
CA SER A 183 6.83 -38.86 -1.57
C SER A 183 7.99 -39.41 -2.39
N SER A 184 7.76 -39.53 -3.69
CA SER A 184 8.80 -39.96 -4.61
C SER A 184 8.62 -39.35 -6.00
N GLY A 185 9.72 -39.01 -6.63
CA GLY A 185 9.69 -38.44 -7.96
C GLY A 185 9.30 -36.97 -7.99
N SER A 186 9.28 -36.41 -9.20
CA SER A 186 9.04 -34.99 -9.41
C SER A 186 7.77 -34.74 -10.23
N PHE A 187 7.08 -33.64 -9.94
CA PHE A 187 5.95 -33.18 -10.76
C PHE A 187 6.34 -33.06 -12.24
N GLY A 188 7.64 -32.81 -12.48
CA GLY A 188 8.13 -32.69 -13.84
C GLY A 188 7.79 -33.88 -14.70
N ASP A 189 7.77 -35.07 -14.09
CA ASP A 189 7.53 -36.31 -14.82
C ASP A 189 6.09 -36.84 -14.67
N ALA A 190 5.22 -36.04 -14.07
CA ALA A 190 3.82 -36.46 -13.90
C ALA A 190 3.17 -36.69 -15.25
N THR A 191 2.21 -37.61 -15.29
CA THR A 191 1.51 -37.92 -16.52
C THR A 191 0.01 -37.83 -16.30
N GLY A 192 -0.40 -37.91 -15.04
CA GLY A 192 -1.81 -37.80 -14.71
C GLY A 192 -2.09 -37.61 -13.24
N PHE A 193 -3.30 -37.15 -12.92
CA PHE A 193 -3.70 -36.94 -11.55
C PHE A 193 -5.02 -37.63 -11.25
N THR A 194 -5.07 -38.45 -10.21
CA THR A 194 -6.33 -39.05 -9.78
C THR A 194 -6.58 -38.93 -8.28
N VAL A 195 -7.84 -39.13 -7.89
CA VAL A 195 -8.24 -39.13 -6.50
C VAL A 195 -8.80 -40.49 -6.08
N GLN A 196 -7.95 -41.32 -5.46
CA GLN A 196 -8.36 -42.65 -5.05
C GLN A 196 -8.49 -42.74 -3.53
N ASP A 197 -9.73 -42.84 -3.05
CA ASP A 197 -10.04 -42.97 -1.62
C ASP A 197 -9.58 -41.78 -0.78
N GLY A 198 -9.94 -40.57 -1.22
CA GLY A 198 -9.63 -39.37 -0.46
C GLY A 198 -8.18 -38.93 -0.56
N GLN A 199 -7.44 -39.52 -1.49
CA GLN A 199 -6.00 -39.31 -1.56
C GLN A 199 -5.56 -39.00 -2.98
N LEU A 200 -4.74 -37.96 -3.13
CA LEU A 200 -4.28 -37.55 -4.45
C LEU A 200 -3.17 -38.45 -4.96
N VAL A 201 -3.47 -39.26 -5.98
CA VAL A 201 -2.43 -40.06 -6.60
C VAL A 201 -1.88 -39.35 -7.83
N VAL A 202 -0.56 -39.35 -7.96
CA VAL A 202 0.08 -38.75 -9.10
C VAL A 202 0.80 -39.83 -9.91
N ALA A 203 0.46 -39.94 -11.19
CA ALA A 203 1.02 -40.97 -12.05
C ALA A 203 2.37 -40.56 -12.63
N LEU A 204 3.39 -41.35 -12.35
CA LEU A 204 4.72 -41.15 -12.94
C LEU A 204 4.87 -42.15 -14.09
N PRO A 205 5.98 -42.10 -14.84
CA PRO A 205 6.11 -43.12 -15.89
C PRO A 205 6.12 -44.56 -15.34
N ASP A 206 7.02 -44.84 -14.41
CA ASP A 206 7.05 -46.16 -13.77
C ASP A 206 5.95 -46.33 -12.72
N LYS A 207 6.28 -46.06 -11.46
CA LYS A 207 5.33 -46.19 -10.36
C LYS A 207 4.35 -45.02 -10.27
N SER A 208 3.68 -44.91 -9.13
CA SER A 208 2.75 -43.82 -8.89
C SER A 208 2.67 -43.47 -7.41
N THR A 209 2.90 -42.20 -7.09
CA THR A 209 3.09 -41.75 -5.72
C THR A 209 1.95 -40.89 -5.20
N GLY A 210 2.03 -40.56 -3.91
CA GLY A 210 1.12 -39.60 -3.32
C GLY A 210 1.95 -38.46 -2.75
N LEU A 211 1.28 -37.44 -2.24
CA LEU A 211 1.97 -36.31 -1.60
C LEU A 211 2.85 -36.79 -0.46
N ALA A 212 3.95 -36.08 -0.21
CA ALA A 212 4.78 -36.40 0.95
C ALA A 212 3.95 -36.15 2.19
N ASN A 213 3.26 -35.01 2.19
CA ASN A 213 2.23 -34.76 3.18
C ASN A 213 0.89 -34.72 2.48
N PRO A 214 0.07 -35.75 2.70
CA PRO A 214 -1.25 -35.87 2.07
C PRO A 214 -2.16 -34.74 2.56
N GLY A 215 -1.79 -34.11 3.66
CA GLY A 215 -2.57 -33.03 4.22
C GLY A 215 -2.67 -31.83 3.30
N GLN A 216 -1.69 -31.70 2.41
CA GLN A 216 -1.65 -30.58 1.45
C GLN A 216 -2.68 -30.71 0.33
N PHE A 217 -3.17 -31.93 0.10
CA PHE A 217 -4.22 -32.18 -0.87
C PHE A 217 -5.48 -31.54 -0.32
N ALA A 218 -6.01 -30.55 -1.01
CA ALA A 218 -7.09 -29.73 -0.46
C ALA A 218 -8.43 -29.90 -1.18
N GLY A 219 -8.41 -30.61 -2.31
CA GLY A 219 -9.63 -30.79 -3.07
C GLY A 219 -9.42 -30.83 -4.57
N TYR A 220 -10.52 -30.81 -5.32
CA TYR A 220 -10.45 -30.88 -6.78
C TYR A 220 -11.74 -30.41 -7.45
N THR A 221 -11.76 -30.45 -8.79
CA THR A 221 -12.99 -30.25 -9.56
C THR A 221 -13.09 -31.33 -10.63
N GLY A 222 -14.31 -31.67 -11.05
CA GLY A 222 -14.53 -32.75 -12.00
C GLY A 222 -14.56 -34.12 -11.32
N ALA A 223 -14.48 -35.19 -12.12
CA ALA A 223 -14.55 -36.52 -11.54
C ALA A 223 -13.22 -36.90 -10.89
N ALA A 224 -13.29 -37.63 -9.79
CA ALA A 224 -12.10 -38.06 -9.07
C ALA A 224 -11.16 -38.85 -9.97
N GLU A 225 -11.75 -39.58 -10.92
CA GLU A 225 -10.98 -40.45 -11.81
C GLU A 225 -10.19 -39.64 -12.82
N SER A 226 -10.70 -38.46 -13.15
CA SER A 226 -9.98 -37.52 -14.02
C SER A 226 -10.44 -36.10 -13.74
N PRO A 227 -9.80 -35.43 -12.77
CA PRO A 227 -10.16 -34.08 -12.35
C PRO A 227 -9.85 -33.03 -13.41
N THR A 228 -10.65 -31.95 -13.43
CA THR A 228 -10.38 -30.79 -14.26
C THR A 228 -9.40 -29.83 -13.57
N SER A 229 -9.24 -30.00 -12.26
CA SER A 229 -8.20 -29.29 -11.52
C SER A 229 -7.93 -29.96 -10.17
N VAL A 230 -6.71 -29.78 -9.66
CA VAL A 230 -6.33 -30.27 -8.34
C VAL A 230 -6.02 -29.07 -7.44
N LEU A 231 -6.65 -29.02 -6.27
CA LEU A 231 -6.43 -27.93 -5.32
C LEU A 231 -5.41 -28.34 -4.26
N LEU A 232 -4.39 -27.50 -4.09
CA LEU A 232 -3.34 -27.78 -3.11
C LEU A 232 -3.25 -26.65 -2.10
N ILE A 233 -2.67 -26.93 -0.93
CA ILE A 233 -2.47 -25.89 0.05
C ILE A 233 -1.11 -25.97 0.72
N ASN A 234 -0.50 -24.80 0.84
CA ASN A 234 0.81 -24.68 1.46
C ASN A 234 0.88 -23.37 2.22
N HIS A 235 1.28 -23.45 3.48
CA HIS A 235 1.37 -22.27 4.34
C HIS A 235 0.09 -21.42 4.25
N GLY A 236 -1.05 -22.09 4.24
CA GLY A 236 -2.33 -21.42 4.17
C GLY A 236 -2.72 -20.90 2.79
N LEU A 237 -1.79 -20.92 1.84
CA LEU A 237 -2.05 -20.40 0.50
C LEU A 237 -2.41 -21.50 -0.49
N HIS A 238 -3.37 -21.22 -1.37
CA HIS A 238 -3.86 -22.23 -2.29
C HIS A 238 -3.12 -22.23 -3.63
N ILE A 239 -2.95 -23.42 -4.19
CA ILE A 239 -2.38 -23.60 -5.52
C ILE A 239 -3.34 -24.45 -6.35
N GLU A 240 -3.81 -23.93 -7.49
CA GLU A 240 -4.67 -24.72 -8.38
C GLU A 240 -4.00 -25.18 -9.68
N ILE A 241 -3.93 -26.50 -9.86
CA ILE A 241 -3.42 -27.07 -11.10
C ILE A 241 -4.57 -27.34 -12.06
N LEU A 242 -4.72 -26.48 -13.07
CA LEU A 242 -5.74 -26.67 -14.10
C LEU A 242 -5.35 -27.72 -15.13
N ILE A 243 -6.14 -28.78 -15.20
CA ILE A 243 -5.89 -29.88 -16.13
C ILE A 243 -6.85 -29.87 -17.33
N ASP A 244 -6.29 -29.76 -18.54
CA ASP A 244 -7.11 -29.65 -19.76
C ASP A 244 -6.29 -30.03 -21.00
N PRO A 245 -6.20 -31.34 -21.32
CA PRO A 245 -5.40 -31.79 -22.46
C PRO A 245 -5.86 -31.26 -23.83
N GLU A 246 -7.09 -30.77 -23.94
CA GLU A 246 -7.57 -30.19 -25.20
C GLU A 246 -7.11 -28.76 -25.43
N SER A 247 -6.60 -28.10 -24.40
CA SER A 247 -6.05 -26.75 -24.57
C SER A 247 -4.74 -26.82 -25.34
N GLN A 248 -4.36 -25.71 -25.93
CA GLN A 248 -3.14 -25.67 -26.70
C GLN A 248 -1.93 -25.98 -25.83
N VAL A 249 -1.85 -25.33 -24.68
CA VAL A 249 -0.75 -25.57 -23.76
C VAL A 249 -0.83 -26.98 -23.16
N GLY A 250 -2.04 -27.41 -22.80
CA GLY A 250 -2.25 -28.72 -22.21
C GLY A 250 -1.94 -29.87 -23.14
N THR A 251 -2.13 -29.63 -24.44
CA THR A 251 -1.85 -30.59 -25.50
C THR A 251 -0.43 -31.10 -25.46
N THR A 252 0.52 -30.18 -25.24
CA THR A 252 1.94 -30.54 -25.25
C THR A 252 2.47 -30.85 -23.85
N ASP A 253 1.66 -30.58 -22.83
CA ASP A 253 2.11 -30.86 -21.47
C ASP A 253 2.05 -32.37 -21.18
N ARG A 254 3.05 -32.88 -20.47
CA ARG A 254 3.18 -34.32 -20.21
C ARG A 254 2.06 -34.88 -19.35
N ALA A 255 1.28 -34.00 -18.73
CA ALA A 255 0.16 -34.43 -17.91
C ALA A 255 -1.11 -33.64 -18.21
N GLY A 256 -1.11 -32.94 -19.33
CA GLY A 256 -2.29 -32.25 -19.81
C GLY A 256 -2.54 -30.95 -19.06
N VAL A 257 -1.56 -30.52 -18.28
CA VAL A 257 -1.71 -29.31 -17.46
C VAL A 257 -1.76 -28.04 -18.31
N LYS A 258 -2.80 -27.24 -18.08
CA LYS A 258 -3.06 -26.02 -18.85
C LYS A 258 -2.46 -24.78 -18.19
N ASP A 259 -2.39 -24.79 -16.87
CA ASP A 259 -1.96 -23.61 -16.10
C ASP A 259 -1.81 -23.96 -14.63
N VAL A 260 -1.12 -23.10 -13.91
CA VAL A 260 -1.00 -23.20 -12.46
C VAL A 260 -1.48 -21.86 -11.92
N ILE A 261 -2.45 -21.92 -11.02
CA ILE A 261 -3.09 -20.71 -10.51
C ILE A 261 -2.75 -20.53 -9.04
N LEU A 262 -2.28 -19.35 -8.66
CA LEU A 262 -1.91 -19.10 -7.28
C LEU A 262 -2.88 -18.15 -6.58
N GLU A 263 -3.28 -18.52 -5.37
CA GLU A 263 -3.89 -17.54 -4.48
C GLU A 263 -2.80 -16.48 -4.27
N SER A 264 -3.10 -15.22 -4.61
CA SER A 264 -2.09 -14.19 -4.79
C SER A 264 -2.27 -13.00 -3.83
N ALA A 265 -3.02 -12.00 -4.26
CA ALA A 265 -3.28 -10.82 -3.43
C ALA A 265 -4.39 -11.13 -2.42
N ILE A 266 -3.98 -11.54 -1.22
CA ILE A 266 -4.92 -11.97 -0.20
C ILE A 266 -5.75 -10.78 0.28
N THR A 267 -5.12 -9.60 0.28
CA THR A 267 -5.80 -8.36 0.67
C THR A 267 -5.38 -7.24 -0.27
N THR A 268 -6.20 -6.20 -0.37
CA THR A 268 -5.92 -5.07 -1.24
C THR A 268 -6.25 -3.78 -0.50
N ILE A 269 -5.46 -2.75 -0.71
CA ILE A 269 -5.76 -1.46 -0.14
C ILE A 269 -6.24 -0.51 -1.23
N MET A 270 -7.53 -0.18 -1.21
CA MET A 270 -8.05 0.83 -2.12
C MET A 270 -7.68 2.18 -1.54
N ASP A 271 -6.98 2.99 -2.31
CA ASP A 271 -6.27 4.12 -1.73
C ASP A 271 -6.87 5.49 -2.01
N PHE A 272 -7.22 6.20 -0.94
CA PHE A 272 -7.72 7.57 -1.06
C PHE A 272 -6.61 8.58 -0.81
N GLU A 273 -5.41 8.09 -0.45
CA GLU A 273 -4.31 8.96 -0.05
C GLU A 273 -3.25 9.18 -1.14
N ASP A 274 -2.05 8.68 -0.91
CA ASP A 274 -0.91 9.13 -1.71
C ASP A 274 -0.87 8.66 -3.17
N SER A 275 -1.64 7.62 -3.52
CA SER A 275 -1.65 7.21 -4.93
C SER A 275 -2.71 7.92 -5.79
N VAL A 276 -3.50 8.81 -5.20
CA VAL A 276 -4.49 9.56 -5.97
C VAL A 276 -4.33 11.06 -5.91
N ALA A 277 -4.85 11.74 -6.93
CA ALA A 277 -4.84 13.18 -6.94
C ALA A 277 -6.29 13.63 -6.80
N ALA A 278 -6.62 14.22 -5.65
CA ALA A 278 -8.01 14.57 -5.34
C ALA A 278 -8.05 15.84 -4.51
N VAL A 279 -8.24 16.96 -5.17
CA VAL A 279 -8.01 18.26 -4.55
C VAL A 279 -9.30 19.06 -4.32
N ASP A 280 -10.44 18.47 -4.67
CA ASP A 280 -11.73 19.13 -4.49
C ASP A 280 -12.88 18.14 -4.39
N ALA A 281 -14.10 18.67 -4.42
CA ALA A 281 -15.30 17.87 -4.23
C ALA A 281 -15.56 16.87 -5.35
N ALA A 282 -15.45 17.30 -6.60
CA ALA A 282 -15.68 16.39 -7.73
C ALA A 282 -14.75 15.16 -7.64
N ASP A 283 -13.48 15.42 -7.32
CA ASP A 283 -12.50 14.32 -7.20
C ASP A 283 -12.86 13.34 -6.12
N LYS A 284 -13.23 13.86 -4.94
CA LYS A 284 -13.56 12.99 -3.82
C LYS A 284 -14.75 12.12 -4.17
N VAL A 285 -15.70 12.70 -4.90
CA VAL A 285 -16.87 11.94 -5.33
C VAL A 285 -16.54 10.75 -6.28
N LEU A 286 -15.70 11.00 -7.28
CA LEU A 286 -15.25 9.92 -8.17
C LEU A 286 -14.67 8.79 -7.35
N GLY A 287 -13.75 9.16 -6.45
CA GLY A 287 -13.17 8.21 -5.50
C GLY A 287 -14.21 7.47 -4.70
N TYR A 288 -15.13 8.22 -4.07
CA TYR A 288 -16.14 7.58 -3.24
C TYR A 288 -17.05 6.65 -4.04
N ARG A 289 -17.35 7.04 -5.28
CA ARG A 289 -18.24 6.22 -6.12
C ARG A 289 -17.64 4.84 -6.43
N ASN A 290 -16.36 4.83 -6.80
CA ASN A 290 -15.67 3.55 -7.03
C ASN A 290 -15.70 2.67 -5.80
N TRP A 291 -15.39 3.27 -4.66
CA TRP A 291 -15.48 2.59 -3.38
C TRP A 291 -16.87 1.99 -3.17
N LEU A 292 -17.89 2.76 -3.51
CA LEU A 292 -19.27 2.28 -3.43
C LEU A 292 -19.53 1.02 -4.27
N GLY A 293 -19.09 1.07 -5.53
CA GLY A 293 -19.26 -0.05 -6.43
C GLY A 293 -18.60 -1.34 -5.97
N LEU A 294 -17.41 -1.21 -5.40
CA LEU A 294 -16.66 -2.37 -4.91
C LEU A 294 -17.34 -3.04 -3.74
N ASN A 295 -17.93 -2.23 -2.87
CA ASN A 295 -18.68 -2.75 -1.73
C ASN A 295 -20.07 -3.23 -2.12
N LYS A 296 -20.72 -2.51 -3.04
CA LYS A 296 -21.96 -3.00 -3.64
C LYS A 296 -21.68 -4.30 -4.35
N GLY A 297 -20.50 -4.39 -4.96
CA GLY A 297 -20.08 -5.60 -5.63
C GLY A 297 -20.52 -5.63 -7.07
N ASP A 298 -20.84 -4.44 -7.59
CA ASP A 298 -21.41 -4.30 -8.92
C ASP A 298 -20.58 -3.37 -9.80
N LEU A 299 -19.43 -2.94 -9.30
CA LEU A 299 -18.51 -2.14 -10.11
C LEU A 299 -18.16 -2.97 -11.33
N ALA A 300 -18.05 -2.32 -12.49
CA ALA A 300 -17.76 -3.03 -13.73
C ALA A 300 -17.26 -2.07 -14.81
N ALA A 301 -16.51 -2.58 -15.77
CA ALA A 301 -16.01 -1.77 -16.88
C ALA A 301 -16.31 -2.40 -18.24
N ALA A 302 -16.46 -1.57 -19.26
CA ALA A 302 -16.80 -2.05 -20.59
C ALA A 302 -15.57 -2.21 -21.48
N ARG A 312 -14.70 -8.11 -16.91
CA ARG A 312 -15.35 -6.83 -16.72
C ARG A 312 -16.06 -6.71 -15.37
N VAL A 313 -16.30 -7.85 -14.72
CA VAL A 313 -16.99 -7.84 -13.44
C VAL A 313 -16.16 -8.38 -12.28
N LEU A 314 -16.69 -8.25 -11.08
CA LEU A 314 -16.06 -8.83 -9.91
C LEU A 314 -16.36 -10.31 -9.83
N ASN A 315 -15.37 -11.09 -9.42
CA ASN A 315 -15.49 -12.54 -9.42
C ASN A 315 -16.22 -13.09 -8.22
N ARG A 316 -16.82 -14.26 -8.41
CA ARG A 316 -17.53 -14.92 -7.33
C ARG A 316 -16.64 -15.99 -6.75
N ASP A 317 -17.09 -16.59 -5.66
CA ASP A 317 -16.29 -17.61 -4.99
C ASP A 317 -16.05 -18.81 -5.92
N ARG A 318 -15.09 -19.66 -5.56
CA ARG A 318 -14.74 -20.82 -6.37
C ARG A 318 -15.25 -22.10 -5.72
N ASN A 319 -15.55 -23.11 -6.53
CA ASN A 319 -16.18 -24.34 -6.04
C ASN A 319 -15.32 -25.58 -6.18
N TYR A 320 -15.32 -26.41 -5.14
CA TYR A 320 -14.43 -27.56 -5.09
C TYR A 320 -15.06 -28.77 -4.41
N THR A 321 -14.30 -29.86 -4.39
CA THR A 321 -14.73 -31.10 -3.78
C THR A 321 -13.66 -31.56 -2.80
N ALA A 322 -14.03 -31.82 -1.55
CA ALA A 322 -13.07 -32.23 -0.53
C ALA A 322 -12.45 -33.56 -0.91
N PRO A 323 -11.19 -33.80 -0.48
CA PRO A 323 -10.45 -35.02 -0.83
C PRO A 323 -11.28 -36.32 -0.78
N GLY A 324 -12.08 -36.47 0.27
CA GLY A 324 -12.97 -37.61 0.38
C GLY A 324 -14.42 -37.26 0.12
N GLY A 325 -14.69 -36.71 -1.07
CA GLY A 325 -16.04 -36.32 -1.44
C GLY A 325 -16.59 -35.15 -0.64
N GLY A 326 -17.78 -34.67 -1.02
CA GLY A 326 -18.38 -33.52 -0.36
C GLY A 326 -17.91 -32.25 -1.05
N GLN A 327 -18.70 -31.19 -0.94
CA GLN A 327 -18.36 -29.91 -1.57
C GLN A 327 -17.83 -28.89 -0.58
N PHE A 328 -17.10 -27.91 -1.08
CA PHE A 328 -16.77 -26.69 -0.32
C PHE A 328 -16.53 -25.46 -1.21
N THR A 329 -16.21 -24.34 -0.59
CA THR A 329 -16.07 -23.07 -1.30
C THR A 329 -14.88 -22.24 -0.77
N LEU A 330 -14.28 -21.42 -1.63
CA LEU A 330 -13.22 -20.51 -1.22
C LEU A 330 -13.51 -19.14 -1.82
N PRO A 331 -13.11 -18.05 -1.15
CA PRO A 331 -13.34 -16.70 -1.66
C PRO A 331 -12.62 -16.45 -2.98
N GLY A 332 -13.18 -15.57 -3.79
CA GLY A 332 -12.61 -15.31 -5.10
C GLY A 332 -12.13 -13.88 -5.24
N ARG A 333 -12.34 -13.09 -4.20
CA ARG A 333 -11.93 -11.69 -4.24
C ARG A 333 -10.92 -11.36 -3.13
N SER A 334 -10.11 -10.36 -3.40
CA SER A 334 -9.13 -9.87 -2.44
C SER A 334 -9.87 -9.05 -1.38
N LEU A 335 -9.90 -9.54 -0.15
CA LEU A 335 -10.45 -8.79 0.99
C LEU A 335 -9.93 -7.35 0.99
N MET A 336 -10.84 -6.38 0.97
CA MET A 336 -10.47 -4.98 0.76
C MET A 336 -10.33 -4.16 2.03
N PHE A 337 -9.21 -3.45 2.13
CA PHE A 337 -9.02 -2.39 3.10
C PHE A 337 -9.21 -1.13 2.32
N VAL A 338 -9.45 -0.03 3.03
CA VAL A 338 -9.37 1.28 2.40
C VAL A 338 -8.36 2.17 3.14
N ARG A 339 -7.61 2.98 2.40
CA ARG A 339 -6.67 3.89 3.06
C ARG A 339 -7.18 5.33 3.04
N ASN A 340 -7.64 5.80 4.19
CA ASN A 340 -8.12 7.19 4.31
C ASN A 340 -6.96 8.18 4.27
N VAL A 341 -7.23 9.45 4.00
CA VAL A 341 -6.17 10.45 4.17
C VAL A 341 -5.89 10.59 5.67
N GLY A 342 -4.75 11.19 5.99
CA GLY A 342 -4.35 11.40 7.37
C GLY A 342 -4.90 12.68 7.94
N HIS A 343 -4.30 13.13 9.05
CA HIS A 343 -4.84 14.21 9.88
C HIS A 343 -4.64 15.63 9.33
N LEU A 344 -3.72 15.80 8.39
CA LEU A 344 -3.27 17.14 8.03
C LEU A 344 -4.22 17.97 7.16
N MET A 345 -4.64 17.41 6.02
CA MET A 345 -5.26 18.23 5.00
C MET A 345 -6.73 18.54 5.25
N THR A 346 -7.16 19.69 4.72
CA THR A 346 -8.57 20.01 4.62
C THR A 346 -8.97 19.89 3.15
N ASN A 347 -10.27 19.75 2.89
CA ASN A 347 -10.77 19.73 1.53
C ASN A 347 -12.05 20.56 1.42
N ASP A 348 -12.21 21.30 0.32
CA ASP A 348 -13.35 22.19 0.18
C ASP A 348 -14.66 21.47 -0.14
N ALA A 349 -14.67 20.14 -0.05
CA ALA A 349 -15.91 19.39 -0.27
C ALA A 349 -16.98 19.80 0.75
N ILE A 350 -16.52 20.16 1.94
CA ILE A 350 -17.36 20.81 2.94
C ILE A 350 -16.60 22.01 3.51
N VAL A 351 -17.28 23.13 3.66
CA VAL A 351 -16.71 24.30 4.32
C VAL A 351 -17.59 24.76 5.49
N ASP A 352 -17.09 25.66 6.32
CA ASP A 352 -17.94 26.23 7.35
C ASP A 352 -18.46 27.59 6.92
N THR A 353 -19.35 28.15 7.72
CA THR A 353 -19.96 29.44 7.41
C THR A 353 -18.93 30.57 7.24
N ASP A 354 -17.76 30.41 7.85
CA ASP A 354 -16.66 31.36 7.66
C ASP A 354 -15.88 31.10 6.37
N GLY A 355 -16.15 29.96 5.74
CA GLY A 355 -15.43 29.56 4.54
C GLY A 355 -14.14 28.79 4.82
N SER A 356 -14.04 28.18 6.00
CA SER A 356 -12.88 27.34 6.32
C SER A 356 -13.15 25.91 5.88
N GLU A 357 -12.21 25.35 5.11
CA GLU A 357 -12.34 23.96 4.68
C GLU A 357 -12.40 22.99 5.87
N VAL A 358 -13.16 21.92 5.70
CA VAL A 358 -13.29 20.89 6.72
C VAL A 358 -12.14 19.87 6.60
N PHE A 359 -11.65 19.37 7.75
CA PHE A 359 -10.60 18.36 7.75
C PHE A 359 -10.99 17.12 6.94
N GLU A 360 -10.13 16.78 5.98
CA GLU A 360 -10.37 15.68 5.04
C GLU A 360 -10.41 14.29 5.68
N GLY A 361 -9.49 14.01 6.60
CA GLY A 361 -9.53 12.78 7.37
C GLY A 361 -10.86 12.54 8.05
N ILE A 362 -11.40 13.58 8.69
CA ILE A 362 -12.71 13.43 9.33
C ILE A 362 -13.77 13.03 8.30
N MET A 363 -13.74 13.67 7.13
CA MET A 363 -14.64 13.33 6.05
C MET A 363 -14.49 11.88 5.57
N ASP A 364 -13.24 11.50 5.29
CA ASP A 364 -12.97 10.12 4.88
C ASP A 364 -13.54 9.10 5.84
N ALA A 365 -13.29 9.24 7.14
CA ALA A 365 -13.86 8.30 8.09
C ALA A 365 -15.38 8.15 7.95
N LEU A 366 -16.06 9.29 7.95
CA LEU A 366 -17.53 9.32 7.80
C LEU A 366 -17.99 8.65 6.50
N PHE A 367 -17.48 9.14 5.37
CA PHE A 367 -17.94 8.72 4.04
C PHE A 367 -17.44 7.32 3.61
N THR A 368 -16.15 7.04 3.75
CA THR A 368 -15.67 5.69 3.40
C THR A 368 -16.31 4.67 4.33
N GLY A 369 -16.51 5.06 5.59
CA GLY A 369 -17.21 4.20 6.54
C GLY A 369 -18.67 3.96 6.19
N LEU A 370 -19.39 5.02 5.84
CA LEU A 370 -20.77 4.86 5.37
C LEU A 370 -20.83 3.89 4.21
N ILE A 371 -19.96 4.11 3.23
CA ILE A 371 -20.00 3.33 2.01
C ILE A 371 -19.73 1.86 2.29
N ALA A 372 -18.81 1.60 3.21
CA ALA A 372 -18.35 0.24 3.49
C ALA A 372 -19.43 -0.64 4.12
N ILE A 373 -20.49 0.00 4.61
CA ILE A 373 -21.62 -0.77 5.16
C ILE A 373 -22.14 -1.74 4.11
N HIS A 374 -22.21 -1.30 2.86
CA HIS A 374 -22.74 -2.11 1.77
C HIS A 374 -21.97 -3.41 1.61
N GLY A 375 -20.67 -3.37 1.94
CA GLY A 375 -19.82 -4.53 1.79
C GLY A 375 -19.99 -5.60 2.86
N LEU A 376 -20.82 -5.33 3.85
CA LEU A 376 -21.06 -6.32 4.91
C LEU A 376 -22.29 -7.15 4.62
N LYS A 377 -22.92 -6.87 3.48
CA LYS A 377 -24.24 -7.41 3.19
C LYS A 377 -24.33 -7.79 1.72
N ALA A 378 -24.93 -8.93 1.43
CA ALA A 378 -25.23 -9.30 0.04
C ALA A 378 -26.70 -9.05 -0.23
N SER A 379 -27.02 -8.06 -1.06
CA SER A 379 -28.42 -7.77 -1.39
C SER A 379 -28.65 -7.22 -2.81
N ASP A 380 -29.67 -6.37 -2.94
CA ASP A 380 -30.01 -5.73 -4.22
C ASP A 380 -30.04 -4.21 -4.05
N VAL A 381 -30.28 -3.75 -2.82
CA VAL A 381 -30.14 -2.34 -2.48
C VAL A 381 -28.68 -2.05 -2.16
N ASN A 382 -28.05 -3.00 -1.48
CA ASN A 382 -26.62 -2.91 -1.17
C ASN A 382 -25.74 -3.42 -2.31
N GLY A 383 -26.32 -4.19 -3.22
CA GLY A 383 -25.57 -4.82 -4.29
C GLY A 383 -25.13 -6.24 -3.93
N PRO A 384 -24.70 -7.00 -4.95
CA PRO A 384 -24.48 -8.45 -4.81
C PRO A 384 -23.24 -8.93 -4.01
N LEU A 385 -22.07 -8.29 -4.11
CA LEU A 385 -20.85 -8.90 -3.55
C LEU A 385 -20.34 -8.34 -2.21
N ILE A 386 -19.97 -9.26 -1.32
CA ILE A 386 -19.61 -8.95 0.05
C ILE A 386 -18.08 -8.84 0.23
N ASN A 387 -17.64 -7.79 0.92
CA ASN A 387 -16.23 -7.62 1.20
C ASN A 387 -15.79 -8.40 2.43
N SER A 388 -16.12 -7.89 3.61
CA SER A 388 -15.73 -8.55 4.86
C SER A 388 -16.79 -9.52 5.32
N ARG A 389 -16.36 -10.70 5.72
CA ARG A 389 -17.26 -11.78 6.07
C ARG A 389 -17.54 -11.79 7.56
N THR A 390 -16.69 -11.14 8.35
CA THR A 390 -16.91 -11.09 9.80
C THR A 390 -17.61 -9.78 10.17
N GLY A 391 -17.68 -8.87 9.21
CA GLY A 391 -18.38 -7.62 9.45
C GLY A 391 -17.51 -6.61 10.15
N SER A 392 -16.31 -6.40 9.59
CA SER A 392 -15.45 -5.32 10.02
C SER A 392 -15.23 -4.37 8.86
N ILE A 393 -14.82 -3.15 9.18
CA ILE A 393 -14.43 -2.21 8.14
C ILE A 393 -12.96 -1.96 8.41
N TYR A 394 -12.14 -2.09 7.37
CA TYR A 394 -10.70 -2.01 7.53
C TYR A 394 -10.15 -0.72 6.95
N ILE A 395 -9.88 0.25 7.81
CA ILE A 395 -9.30 1.51 7.37
C ILE A 395 -7.83 1.59 7.75
N VAL A 396 -7.00 1.92 6.76
CA VAL A 396 -5.58 2.15 7.00
C VAL A 396 -5.37 3.64 7.16
N LYS A 397 -4.80 4.04 8.30
CA LYS A 397 -4.59 5.45 8.57
C LYS A 397 -3.11 5.77 8.51
N PRO A 398 -2.73 6.63 7.57
CA PRO A 398 -1.37 7.07 7.27
C PRO A 398 -0.91 8.28 8.08
N LYS A 399 0.40 8.44 8.17
CA LYS A 399 1.01 9.68 8.67
C LYS A 399 0.58 10.16 10.05
N MET A 400 0.23 9.24 10.95
CA MET A 400 0.02 9.63 12.35
C MET A 400 1.37 9.82 13.06
N HIS A 401 1.48 10.85 13.89
CA HIS A 401 2.66 11.08 14.71
C HIS A 401 2.37 10.87 16.18
N GLY A 402 2.69 9.68 16.70
CA GLY A 402 2.56 9.45 18.12
C GLY A 402 1.21 8.93 18.55
N PRO A 403 1.14 8.38 19.77
CA PRO A 403 -0.03 7.68 20.26
C PRO A 403 -1.26 8.56 20.49
N ALA A 404 -1.09 9.86 20.76
CA ALA A 404 -2.27 10.73 20.90
C ALA A 404 -3.03 10.79 19.59
N GLU A 405 -2.30 10.87 18.48
CA GLU A 405 -2.92 10.93 17.17
C GLU A 405 -3.61 9.62 16.81
N VAL A 406 -3.12 8.52 17.38
CA VAL A 406 -3.75 7.23 17.20
C VAL A 406 -5.04 7.13 18.00
N ALA A 407 -4.98 7.64 19.24
CA ALA A 407 -6.15 7.65 20.10
C ALA A 407 -7.24 8.51 19.48
N PHE A 408 -6.80 9.60 18.86
CA PHE A 408 -7.72 10.50 18.18
C PHE A 408 -8.42 9.79 17.04
N THR A 409 -7.67 9.07 16.20
CA THR A 409 -8.29 8.30 15.14
C THR A 409 -9.32 7.29 15.67
N CYS A 410 -8.99 6.61 16.75
CA CYS A 410 -9.95 5.68 17.37
C CYS A 410 -11.21 6.38 17.90
N GLU A 411 -11.05 7.60 18.40
CA GLU A 411 -12.20 8.37 18.87
C GLU A 411 -13.09 8.74 17.70
N LEU A 412 -12.48 9.32 16.68
CA LEU A 412 -13.15 9.57 15.40
C LEU A 412 -13.94 8.34 14.95
N PHE A 413 -13.28 7.19 14.88
CA PHE A 413 -13.95 5.97 14.46
C PHE A 413 -15.14 5.63 15.35
N SER A 414 -14.98 5.81 16.65
CA SER A 414 -16.04 5.50 17.60
C SER A 414 -17.29 6.37 17.33
N ARG A 415 -17.05 7.66 17.10
CA ARG A 415 -18.12 8.64 16.86
C ARG A 415 -18.77 8.37 15.51
N VAL A 416 -17.96 7.97 14.53
CA VAL A 416 -18.51 7.66 13.21
C VAL A 416 -19.40 6.43 13.29
N GLU A 417 -19.01 5.49 14.15
CA GLU A 417 -19.79 4.26 14.30
C GLU A 417 -21.15 4.56 14.88
N ASP A 418 -21.23 5.61 15.70
CA ASP A 418 -22.50 6.03 16.28
C ASP A 418 -23.39 6.68 15.23
N VAL A 419 -22.80 7.60 14.47
CA VAL A 419 -23.54 8.26 13.39
C VAL A 419 -24.09 7.21 12.43
N LEU A 420 -23.31 6.17 12.20
CA LEU A 420 -23.67 5.12 11.24
C LEU A 420 -24.51 4.00 11.86
N GLY A 421 -24.65 4.00 13.17
CA GLY A 421 -25.39 2.94 13.84
C GLY A 421 -24.71 1.59 13.76
N LEU A 422 -23.38 1.59 13.66
CA LEU A 422 -22.62 0.35 13.65
C LEU A 422 -22.18 0.00 15.06
N PRO A 423 -22.06 -1.30 15.34
CA PRO A 423 -21.50 -1.70 16.64
C PRO A 423 -20.15 -1.05 16.88
N GLN A 424 -19.80 -0.80 18.14
CA GLN A 424 -18.53 -0.19 18.49
C GLN A 424 -17.42 -1.16 18.08
N ASN A 425 -16.29 -0.60 17.63
CA ASN A 425 -15.12 -1.35 17.15
C ASN A 425 -15.27 -2.04 15.80
N THR A 426 -16.33 -1.69 15.07
CA THR A 426 -16.53 -2.17 13.71
C THR A 426 -15.44 -1.66 12.79
N MET A 427 -15.07 -0.39 12.94
CA MET A 427 -14.06 0.20 12.09
C MET A 427 -12.66 -0.06 12.63
N LYS A 428 -12.00 -1.07 12.07
CA LYS A 428 -10.64 -1.46 12.44
C LYS A 428 -9.60 -0.48 11.89
N ILE A 429 -8.42 -0.45 12.50
CA ILE A 429 -7.40 0.49 12.05
C ILE A 429 -6.07 -0.21 11.68
N GLY A 430 -5.48 0.24 10.58
CA GLY A 430 -4.17 -0.23 10.20
C GLY A 430 -3.23 0.92 10.45
N ILE A 431 -2.40 0.80 11.49
CA ILE A 431 -1.42 1.83 11.82
C ILE A 431 -0.19 1.79 10.93
N MET A 432 -0.08 2.75 10.01
CA MET A 432 1.14 2.86 9.26
C MET A 432 2.22 3.54 10.10
N ASP A 433 3.35 2.85 10.23
CA ASP A 433 4.52 3.35 10.93
C ASP A 433 5.37 4.03 9.86
N GLU A 434 5.20 5.33 9.68
CA GLU A 434 5.96 6.04 8.65
C GLU A 434 6.37 7.42 9.10
N GLU A 435 6.23 7.67 10.40
CA GLU A 435 6.67 8.94 10.98
C GLU A 435 7.55 8.63 12.22
N ARG A 436 8.62 9.41 12.38
CA ARG A 436 9.60 9.20 13.45
C ARG A 436 8.97 9.14 14.83
N ARG A 437 7.96 9.98 15.09
CA ARG A 437 7.38 10.02 16.42
C ARG A 437 6.43 8.85 16.67
N THR A 438 6.06 8.14 15.61
CA THR A 438 5.30 6.91 15.79
C THR A 438 6.28 5.73 15.98
N THR A 439 7.32 5.68 15.14
CA THR A 439 8.40 4.69 15.30
C THR A 439 8.88 4.55 16.75
N VAL A 440 9.30 5.64 17.38
CA VAL A 440 9.91 5.57 18.72
C VAL A 440 8.91 5.46 19.86
N ASN A 441 7.63 5.52 19.54
CA ASN A 441 6.58 5.31 20.53
C ASN A 441 5.63 4.24 20.02
N LEU A 442 6.17 3.28 19.27
CA LEU A 442 5.31 2.36 18.53
C LEU A 442 4.46 1.48 19.44
N LYS A 443 5.06 0.95 20.49
CA LYS A 443 4.36 0.11 21.45
C LYS A 443 3.16 0.84 22.05
N ALA A 444 3.36 2.13 22.37
CA ALA A 444 2.28 2.98 22.88
C ALA A 444 1.23 3.28 21.82
N CYS A 445 1.63 3.34 20.56
CA CYS A 445 0.69 3.61 19.47
C CYS A 445 -0.26 2.44 19.29
N ILE A 446 0.29 1.24 19.30
CA ILE A 446 -0.50 0.02 19.22
C ILE A 446 -1.43 -0.12 20.42
N LYS A 447 -0.91 0.21 21.60
CA LYS A 447 -1.75 0.12 22.80
C LYS A 447 -2.96 1.05 22.68
N ALA A 448 -2.72 2.27 22.20
CA ALA A 448 -3.79 3.23 21.97
C ALA A 448 -4.88 2.74 21.02
N ALA A 449 -4.62 1.65 20.31
CA ALA A 449 -5.60 1.07 19.40
C ALA A 449 -5.75 -0.40 19.67
N ALA A 450 -5.55 -0.82 20.92
CA ALA A 450 -5.44 -2.24 21.24
C ALA A 450 -6.69 -3.06 20.91
N ASP A 451 -7.82 -2.41 20.74
CA ASP A 451 -9.05 -3.14 20.42
C ASP A 451 -9.53 -2.95 18.98
N ARG A 452 -8.81 -2.13 18.20
CA ARG A 452 -9.17 -1.86 16.81
C ARG A 452 -8.09 -2.28 15.80
N VAL A 453 -6.86 -2.42 16.26
CA VAL A 453 -5.72 -2.58 15.36
C VAL A 453 -5.72 -3.93 14.65
N VAL A 454 -5.45 -3.92 13.35
CA VAL A 454 -5.39 -5.16 12.58
C VAL A 454 -4.14 -5.22 11.72
N PHE A 455 -3.23 -4.26 11.89
CA PHE A 455 -2.18 -4.02 10.89
C PHE A 455 -1.20 -2.96 11.36
N ILE A 456 0.10 -3.22 11.18
CA ILE A 456 1.11 -2.16 11.18
C ILE A 456 1.99 -2.44 9.99
N ASN A 457 2.69 -1.43 9.48
CA ASN A 457 3.67 -1.68 8.44
C ASN A 457 4.71 -0.58 8.35
N THR A 458 5.75 -0.85 7.58
CA THR A 458 6.85 0.07 7.35
C THR A 458 6.96 0.37 5.88
N GLY A 459 7.73 1.41 5.54
CA GLY A 459 7.93 1.82 4.16
C GLY A 459 9.25 2.54 4.07
N PHE A 460 9.55 3.16 2.93
CA PHE A 460 10.81 3.88 2.78
C PHE A 460 10.65 5.38 2.50
N LEU A 461 9.73 5.70 1.59
CA LEU A 461 9.63 7.08 1.12
C LEU A 461 9.21 8.08 2.21
N ASP A 462 8.00 7.92 2.75
CA ASP A 462 7.49 8.83 3.78
C ASP A 462 8.35 8.83 5.04
N ARG A 463 8.76 7.65 5.50
CA ARG A 463 9.47 7.53 6.77
C ARG A 463 10.82 8.23 6.72
N THR A 464 11.46 8.18 5.56
CA THR A 464 12.71 8.87 5.36
C THR A 464 12.51 10.39 5.19
N GLY A 465 11.43 10.80 4.55
CA GLY A 465 11.13 12.21 4.44
C GLY A 465 10.96 12.84 5.81
N ASP A 466 10.24 12.13 6.68
CA ASP A 466 10.06 12.58 8.06
C ASP A 466 11.40 12.63 8.78
N GLU A 467 12.23 11.61 8.53
CA GLU A 467 13.54 11.52 9.13
C GLU A 467 14.37 12.75 8.74
N ILE A 468 14.40 13.05 7.45
CA ILE A 468 15.18 14.20 6.98
C ILE A 468 14.62 15.49 7.56
N HIS A 469 13.30 15.62 7.59
CA HIS A 469 12.72 16.87 8.05
C HIS A 469 12.90 17.08 9.55
N THR A 470 12.79 16.01 10.32
CA THR A 470 12.86 16.11 11.76
C THR A 470 14.22 16.63 12.18
N SER A 471 15.26 16.16 11.50
CA SER A 471 16.63 16.53 11.82
C SER A 471 17.20 17.52 10.81
N MET A 472 16.31 18.27 10.18
CA MET A 472 16.68 19.23 9.16
C MET A 472 17.85 20.15 9.56
N GLU A 473 17.82 20.68 10.77
CA GLU A 473 18.81 21.65 11.19
C GLU A 473 20.11 21.00 11.66
N ALA A 474 20.11 19.69 11.80
CA ALA A 474 21.25 19.01 12.39
C ALA A 474 22.49 18.99 11.49
N GLY A 475 22.30 19.25 10.21
CA GLY A 475 23.38 19.12 9.24
C GLY A 475 22.91 18.37 8.00
N PRO A 476 23.78 18.26 6.98
CA PRO A 476 23.50 17.61 5.69
C PRO A 476 23.29 16.11 5.83
N MET A 477 22.25 15.57 5.21
CA MET A 477 22.00 14.13 5.26
C MET A 477 22.78 13.41 4.16
N VAL A 478 22.88 12.09 4.29
CA VAL A 478 23.46 11.28 3.22
C VAL A 478 22.48 11.20 2.04
N ARG A 479 23.01 10.84 0.87
CA ARG A 479 22.21 10.68 -0.32
C ARG A 479 21.07 9.69 -0.14
N LYS A 480 20.03 9.85 -0.95
CA LYS A 480 18.81 9.05 -0.87
C LYS A 480 19.05 7.53 -1.00
N GLY A 481 19.92 7.15 -1.93
CA GLY A 481 20.27 5.74 -2.12
C GLY A 481 20.89 5.16 -0.86
N THR A 482 21.72 5.96 -0.22
CA THR A 482 22.41 5.57 0.99
C THR A 482 21.47 5.29 2.18
N MET A 483 20.31 5.96 2.19
CA MET A 483 19.35 5.91 3.29
C MET A 483 18.81 4.50 3.58
N LYS A 484 18.65 3.69 2.54
CA LYS A 484 18.14 2.32 2.71
C LYS A 484 19.03 1.44 3.59
N SER A 485 20.30 1.82 3.74
CA SER A 485 21.24 1.02 4.54
C SER A 485 21.70 1.68 5.84
N GLN A 486 21.10 2.81 6.19
CA GLN A 486 21.46 3.51 7.42
C GLN A 486 20.96 2.77 8.65
N PRO A 487 21.70 2.89 9.75
CA PRO A 487 21.36 2.35 11.06
C PRO A 487 19.92 2.63 11.49
N TRP A 488 19.45 3.86 11.34
CA TRP A 488 18.13 4.19 11.84
C TRP A 488 17.04 3.34 11.17
N ILE A 489 17.16 3.13 9.86
CA ILE A 489 16.08 2.48 9.13
C ILE A 489 16.08 0.97 9.28
N LEU A 490 17.26 0.40 9.50
CA LEU A 490 17.39 -1.02 9.76
C LEU A 490 16.81 -1.33 11.14
N ALA A 491 17.04 -0.43 12.09
CA ALA A 491 16.52 -0.63 13.42
C ALA A 491 15.00 -0.41 13.37
N TYR A 492 14.59 0.59 12.60
CA TYR A 492 13.18 0.90 12.41
C TYR A 492 12.43 -0.34 11.89
N GLU A 493 12.96 -0.95 10.83
CA GLU A 493 12.33 -2.10 10.20
C GLU A 493 12.14 -3.24 11.21
N ASP A 494 13.23 -3.58 11.89
CA ASP A 494 13.22 -4.65 12.88
C ASP A 494 12.36 -4.28 14.09
N HIS A 495 12.41 -3.01 14.50
CA HIS A 495 11.65 -2.56 15.67
C HIS A 495 10.15 -2.76 15.44
N ASN A 496 9.73 -2.59 14.19
CA ASN A 496 8.32 -2.67 13.84
C ASN A 496 7.82 -4.09 14.07
N VAL A 497 8.55 -5.05 13.50
CA VAL A 497 8.23 -6.46 13.67
C VAL A 497 8.17 -6.88 15.15
N ASP A 498 9.22 -6.52 15.91
CA ASP A 498 9.27 -6.79 17.36
C ASP A 498 8.04 -6.28 18.14
N ALA A 499 7.68 -5.03 17.93
CA ALA A 499 6.56 -4.42 18.64
C ALA A 499 5.25 -5.16 18.33
N GLY A 500 4.96 -5.37 17.05
CA GLY A 500 3.80 -6.16 16.64
C GLY A 500 3.76 -7.54 17.29
N LEU A 501 4.82 -8.32 17.12
CA LEU A 501 4.86 -9.66 17.74
C LEU A 501 4.72 -9.61 19.26
N ALA A 502 5.37 -8.62 19.90
CA ALA A 502 5.28 -8.47 21.35
C ALA A 502 3.87 -8.12 21.82
N ALA A 503 3.11 -7.49 20.92
CA ALA A 503 1.74 -7.09 21.19
C ALA A 503 0.79 -8.22 20.79
N GLY A 504 1.36 -9.34 20.35
CA GLY A 504 0.59 -10.53 20.04
C GLY A 504 0.00 -10.60 18.63
N PHE A 505 0.66 -9.96 17.67
CA PHE A 505 0.14 -9.86 16.29
C PHE A 505 0.11 -11.20 15.55
N SER A 506 1.00 -12.11 15.91
CA SER A 506 1.05 -13.37 15.19
C SER A 506 -0.22 -14.17 15.46
N GLY A 507 -0.98 -14.42 14.40
CA GLY A 507 -2.25 -15.10 14.56
C GLY A 507 -3.39 -14.16 14.89
N ARG A 508 -3.10 -12.86 14.98
CA ARG A 508 -4.13 -11.86 15.29
C ARG A 508 -4.19 -10.69 14.30
N ALA A 509 -3.03 -10.29 13.76
CA ALA A 509 -2.98 -9.11 12.89
C ALA A 509 -1.74 -9.07 12.00
N GLN A 510 -1.83 -8.28 10.93
CA GLN A 510 -0.76 -8.21 9.93
C GLN A 510 0.42 -7.37 10.37
N VAL A 511 1.61 -7.85 10.03
CA VAL A 511 2.79 -7.03 10.14
C VAL A 511 3.35 -6.89 8.75
N GLY A 512 3.23 -5.69 8.18
CA GLY A 512 3.58 -5.51 6.78
C GLY A 512 4.86 -4.76 6.49
N LYS A 513 5.41 -4.99 5.30
CA LYS A 513 6.56 -4.24 4.84
C LYS A 513 6.33 -3.66 3.46
N GLY A 514 7.31 -2.91 2.99
CA GLY A 514 7.14 -1.96 1.89
C GLY A 514 6.94 -2.46 0.48
N MET A 515 6.93 -1.51 -0.44
CA MET A 515 6.58 -1.74 -1.83
C MET A 515 7.77 -2.01 -2.76
N TRP A 516 7.61 -2.96 -3.67
CA TRP A 516 8.52 -3.11 -4.79
C TRP A 516 8.07 -2.16 -5.89
N THR A 517 8.91 -1.16 -6.17
CA THR A 517 8.52 -0.08 -7.08
C THR A 517 8.97 -0.30 -8.52
N MET A 518 9.89 -1.23 -8.74
CA MET A 518 10.45 -1.45 -10.07
C MET A 518 9.62 -2.49 -10.85
N THR A 519 8.55 -1.99 -11.48
CA THR A 519 7.51 -2.85 -12.02
C THR A 519 7.96 -3.79 -13.13
N GLU A 520 9.05 -3.45 -13.82
CA GLU A 520 9.54 -4.26 -14.94
C GLU A 520 10.65 -5.24 -14.53
N LEU A 521 11.22 -5.06 -13.35
CA LEU A 521 12.28 -5.95 -12.88
C LEU A 521 11.74 -7.03 -11.94
N MET A 522 10.99 -7.98 -12.51
CA MET A 522 10.35 -9.01 -11.72
C MET A 522 11.32 -10.13 -11.31
N ALA A 523 12.31 -10.40 -12.15
CA ALA A 523 13.38 -11.34 -11.79
C ALA A 523 14.01 -10.87 -10.50
N ASP A 524 14.43 -9.60 -10.48
CA ASP A 524 15.02 -9.00 -9.29
C ASP A 524 14.07 -9.07 -8.10
N MET A 525 12.78 -8.79 -8.33
CA MET A 525 11.83 -8.85 -7.21
C MET A 525 11.77 -10.27 -6.65
N VAL A 526 11.69 -11.26 -7.53
CA VAL A 526 11.59 -12.64 -7.10
C VAL A 526 12.87 -13.03 -6.32
N GLU A 527 13.98 -12.48 -6.75
CA GLU A 527 15.26 -12.78 -6.13
C GLU A 527 15.37 -12.17 -4.73
N THR A 528 14.95 -10.91 -4.58
CA THR A 528 15.28 -10.18 -3.37
C THR A 528 14.14 -9.99 -2.35
N LYS A 529 12.89 -9.84 -2.82
CA LYS A 529 11.75 -9.54 -1.93
C LYS A 529 11.41 -10.67 -0.94
N ILE A 530 11.98 -11.85 -1.18
CA ILE A 530 11.94 -12.94 -0.21
C ILE A 530 12.40 -12.51 1.20
N ALA A 531 13.25 -11.49 1.25
CA ALA A 531 13.79 -11.03 2.54
C ALA A 531 12.68 -10.56 3.50
N GLN A 532 11.56 -10.11 2.94
CA GLN A 532 10.50 -9.57 3.79
C GLN A 532 9.77 -10.62 4.63
N PRO A 533 9.23 -11.68 3.99
CA PRO A 533 8.69 -12.72 4.88
C PRO A 533 9.79 -13.39 5.72
N ARG A 534 11.03 -13.44 5.23
CA ARG A 534 12.12 -14.01 6.04
C ARG A 534 12.35 -13.18 7.29
N ALA A 535 12.00 -11.90 7.20
CA ALA A 535 12.11 -10.99 8.32
C ALA A 535 10.86 -11.02 9.22
N GLY A 536 9.92 -11.91 8.91
CA GLY A 536 8.76 -12.11 9.76
C GLY A 536 7.51 -11.32 9.37
N ALA A 537 7.56 -10.69 8.20
CA ALA A 537 6.42 -9.91 7.72
C ALA A 537 5.34 -10.85 7.22
N SER A 538 4.14 -10.75 7.80
CA SER A 538 3.03 -11.58 7.33
C SER A 538 2.47 -11.07 6.02
N THR A 539 2.92 -9.90 5.58
CA THR A 539 2.44 -9.33 4.33
C THR A 539 3.38 -8.23 3.85
N ALA A 540 3.34 -7.92 2.55
CA ALA A 540 4.11 -6.79 2.01
C ALA A 540 3.55 -6.31 0.69
N TRP A 541 3.88 -5.08 0.33
CA TRP A 541 3.23 -4.40 -0.81
C TRP A 541 3.76 -4.79 -2.18
N VAL A 542 2.84 -4.94 -3.13
CA VAL A 542 3.19 -5.15 -4.53
C VAL A 542 2.40 -4.16 -5.37
N PRO A 543 2.93 -3.76 -6.51
CA PRO A 543 2.30 -2.70 -7.30
C PRO A 543 1.19 -3.20 -8.25
N SER A 544 1.29 -4.46 -8.70
CA SER A 544 0.36 -5.02 -9.69
C SER A 544 -0.14 -6.42 -9.31
N PRO A 545 -1.25 -6.85 -9.93
CA PRO A 545 -1.68 -8.26 -9.78
C PRO A 545 -0.57 -9.25 -10.21
N THR A 546 0.17 -8.92 -11.25
CA THR A 546 1.24 -9.79 -11.72
C THR A 546 2.28 -9.94 -10.61
N ALA A 547 2.68 -8.81 -10.04
CA ALA A 547 3.63 -8.81 -8.94
C ALA A 547 3.10 -9.59 -7.72
N ALA A 548 1.81 -9.49 -7.45
CA ALA A 548 1.21 -10.26 -6.36
C ALA A 548 1.37 -11.76 -6.58
N THR A 549 1.19 -12.21 -7.82
CA THR A 549 1.33 -13.63 -8.10
C THR A 549 2.79 -14.09 -7.90
N LEU A 550 3.73 -13.33 -8.44
CA LEU A 550 5.15 -13.65 -8.27
C LEU A 550 5.57 -13.61 -6.79
N HIS A 551 5.16 -12.57 -6.07
CA HIS A 551 5.52 -12.41 -4.67
C HIS A 551 4.92 -13.52 -3.83
N ALA A 552 3.81 -14.08 -4.28
CA ALA A 552 3.19 -15.21 -3.59
C ALA A 552 4.13 -16.43 -3.52
N LEU A 553 5.08 -16.52 -4.45
CA LEU A 553 6.07 -17.63 -4.38
C LEU A 553 6.84 -17.60 -3.07
N HIS A 554 7.14 -16.41 -2.58
CA HIS A 554 7.90 -16.25 -1.34
C HIS A 554 7.25 -16.82 -0.10
N TYR A 555 5.92 -16.76 -0.04
CA TYR A 555 5.21 -17.24 1.14
C TYR A 555 5.08 -18.74 1.08
N HIS A 556 5.31 -19.30 -0.10
CA HIS A 556 5.44 -20.75 -0.24
C HIS A 556 6.80 -21.24 0.23
N GLN A 557 7.84 -20.50 -0.11
CA GLN A 557 9.22 -20.85 0.24
C GLN A 557 9.56 -20.56 1.70
N VAL A 558 8.79 -19.69 2.33
CA VAL A 558 9.08 -19.21 3.69
C VAL A 558 7.87 -19.42 4.59
N ASP A 559 8.08 -20.07 5.72
CA ASP A 559 7.03 -20.34 6.70
C ASP A 559 6.93 -19.17 7.68
N VAL A 560 6.15 -18.15 7.32
CA VAL A 560 6.09 -16.93 8.12
C VAL A 560 5.69 -17.18 9.57
N ALA A 561 4.74 -18.10 9.79
CA ALA A 561 4.31 -18.40 11.15
C ALA A 561 5.46 -18.93 11.99
N ALA A 562 6.28 -19.80 11.40
CA ALA A 562 7.47 -20.31 12.08
C ALA A 562 8.48 -19.19 12.35
N VAL A 563 8.72 -18.35 11.35
CA VAL A 563 9.61 -17.21 11.52
C VAL A 563 9.20 -16.31 12.70
N GLN A 564 7.93 -15.92 12.73
CA GLN A 564 7.42 -15.07 13.80
C GLN A 564 7.58 -15.73 15.16
N GLN A 565 7.23 -17.01 15.23
CA GLN A 565 7.35 -17.75 16.47
C GLN A 565 8.80 -17.77 16.99
N GLY A 566 9.75 -17.88 16.06
CA GLY A 566 11.15 -17.93 16.40
C GLY A 566 11.68 -16.57 16.82
N LEU A 567 11.05 -15.51 16.32
CA LEU A 567 11.43 -14.15 16.65
C LEU A 567 10.88 -13.69 18.01
N ALA A 568 9.97 -14.47 18.58
CA ALA A 568 9.23 -14.06 19.79
C ALA A 568 10.11 -13.63 20.96
N GLY A 569 9.80 -12.47 21.53
CA GLY A 569 10.47 -12.02 22.73
C GLY A 569 11.80 -11.30 22.50
N LYS A 570 12.28 -11.31 21.27
CA LYS A 570 13.53 -10.65 20.96
C LYS A 570 13.34 -9.14 20.84
N ARG A 571 14.36 -8.40 21.26
CA ARG A 571 14.33 -6.94 21.16
C ARG A 571 15.58 -6.52 20.40
N ARG A 572 15.47 -6.47 19.08
CA ARG A 572 16.64 -6.32 18.21
C ARG A 572 17.05 -4.88 17.89
N ALA A 573 16.21 -3.91 18.27
CA ALA A 573 16.52 -2.52 18.05
C ALA A 573 16.45 -1.73 19.34
N THR A 574 17.44 -0.89 19.58
CA THR A 574 17.44 -0.02 20.76
C THR A 574 17.01 1.39 20.39
N ILE A 575 16.62 2.16 21.39
CA ILE A 575 16.20 3.52 21.16
C ILE A 575 17.35 4.37 20.59
N GLU A 576 18.59 4.09 20.97
CA GLU A 576 19.75 4.80 20.44
C GLU A 576 19.89 4.54 18.95
N GLN A 577 19.59 3.31 18.55
CA GLN A 577 19.72 2.92 17.15
C GLN A 577 18.66 3.65 16.35
N LEU A 578 17.44 3.63 16.87
CA LEU A 578 16.32 4.32 16.23
C LEU A 578 16.59 5.80 16.02
N LEU A 579 17.31 6.41 16.96
CA LEU A 579 17.52 7.87 17.01
C LEU A 579 18.80 8.31 16.31
N THR A 580 19.49 7.38 15.68
CA THR A 580 20.73 7.67 15.01
C THR A 580 20.48 8.44 13.72
N ILE A 581 20.73 9.75 13.77
CA ILE A 581 20.41 10.64 12.65
C ILE A 581 21.35 10.41 11.48
N PRO A 582 20.79 10.28 10.27
CA PRO A 582 21.60 9.93 9.09
C PRO A 582 22.43 11.08 8.50
N LEU A 583 23.18 11.80 9.33
CA LEU A 583 24.07 12.86 8.86
C LEU A 583 25.18 12.31 7.99
N ALA A 584 25.65 13.09 7.02
CA ALA A 584 26.80 12.67 6.20
C ALA A 584 28.14 12.97 6.90
N LYS A 585 29.11 12.06 6.74
CA LYS A 585 30.45 12.30 7.29
C LYS A 585 31.13 13.39 6.47
N GLU A 586 32.22 13.93 7.00
CA GLU A 586 32.93 15.01 6.32
C GLU A 586 33.48 14.59 4.97
N LEU A 587 33.43 15.52 4.00
CA LEU A 587 33.96 15.31 2.65
C LEU A 587 33.42 14.05 2.00
N ALA A 588 32.18 13.71 2.29
CA ALA A 588 31.62 12.45 1.83
C ALA A 588 31.57 12.33 0.30
N TRP A 589 31.39 13.46 -0.40
CA TRP A 589 31.12 13.42 -1.84
C TRP A 589 32.01 14.27 -2.73
N ALA A 590 32.32 13.74 -3.91
CA ALA A 590 32.89 14.51 -5.00
C ALA A 590 31.80 15.38 -5.63
N PRO A 591 32.19 16.52 -6.24
CA PRO A 591 31.22 17.37 -6.93
C PRO A 591 30.36 16.65 -7.98
N ASP A 592 30.91 15.67 -8.68
CA ASP A 592 30.14 14.93 -9.67
C ASP A 592 29.04 14.11 -9.00
N GLU A 593 29.31 13.67 -7.78
CA GLU A 593 28.36 12.90 -7.00
C GLU A 593 27.22 13.79 -6.53
N ILE A 594 27.56 14.98 -6.06
CA ILE A 594 26.57 15.98 -5.67
C ILE A 594 25.64 16.25 -6.85
N ARG A 595 26.23 16.57 -8.00
CA ARG A 595 25.47 16.89 -9.21
C ARG A 595 24.53 15.76 -9.59
N GLU A 596 25.04 14.53 -9.53
CA GLU A 596 24.27 13.33 -9.83
C GLU A 596 23.08 13.19 -8.90
N GLU A 597 23.31 13.49 -7.62
CA GLU A 597 22.22 13.40 -6.66
C GLU A 597 21.14 14.47 -6.87
N VAL A 598 21.58 15.67 -7.23
CA VAL A 598 20.63 16.77 -7.45
C VAL A 598 19.76 16.47 -8.66
N ASP A 599 20.39 16.18 -9.79
CA ASP A 599 19.69 15.79 -11.02
C ASP A 599 18.71 14.67 -10.76
N ASN A 600 19.17 13.65 -10.04
CA ASN A 600 18.37 12.49 -9.68
C ASN A 600 17.07 12.92 -9.00
N ASN A 601 17.22 13.72 -7.96
CA ASN A 601 16.05 14.15 -7.22
C ASN A 601 15.17 15.11 -8.03
N CYS A 602 15.77 15.98 -8.82
CA CYS A 602 15.00 16.94 -9.60
C CYS A 602 14.17 16.23 -10.66
N GLN A 603 14.75 15.23 -11.32
CA GLN A 603 13.96 14.50 -12.32
C GLN A 603 12.87 13.70 -11.64
N SER A 604 13.18 13.19 -10.44
CA SER A 604 12.20 12.45 -9.66
C SER A 604 11.00 13.34 -9.36
N ILE A 605 11.25 14.57 -8.97
CA ILE A 605 10.16 15.48 -8.65
C ILE A 605 9.43 15.91 -9.92
N LEU A 606 10.17 16.37 -10.92
CA LEU A 606 9.56 16.82 -12.16
C LEU A 606 8.75 15.73 -12.84
N GLY A 607 9.30 14.51 -12.88
CA GLY A 607 8.63 13.39 -13.50
C GLY A 607 7.31 13.00 -12.85
N TYR A 608 7.24 13.11 -11.53
CA TYR A 608 6.01 12.76 -10.82
C TYR A 608 5.02 13.94 -10.79
N VAL A 609 5.54 15.14 -10.58
CA VAL A 609 4.73 16.35 -10.48
C VAL A 609 3.99 16.67 -11.78
N VAL A 610 4.65 16.49 -12.91
CA VAL A 610 4.03 16.86 -14.18
C VAL A 610 2.75 16.06 -14.42
N ARG A 611 2.73 14.80 -14.02
CA ARG A 611 1.57 13.96 -14.25
C ARG A 611 0.48 14.25 -13.22
N TRP A 612 0.90 14.66 -12.02
CA TRP A 612 -0.01 14.92 -10.91
C TRP A 612 -0.80 16.19 -11.17
N VAL A 613 -0.07 17.28 -11.43
CA VAL A 613 -0.64 18.60 -11.60
C VAL A 613 -1.46 18.71 -12.91
N ASP A 614 -0.85 18.30 -14.01
CA ASP A 614 -1.48 18.41 -15.32
C ASP A 614 -2.59 17.41 -15.57
N GLN A 615 -2.46 16.20 -15.04
CA GLN A 615 -3.41 15.16 -15.43
C GLN A 615 -4.12 14.47 -14.27
N GLY A 616 -3.88 14.92 -13.04
CA GLY A 616 -4.55 14.31 -11.90
C GLY A 616 -4.19 12.84 -11.74
N VAL A 617 -2.95 12.48 -12.11
CA VAL A 617 -2.45 11.10 -11.98
C VAL A 617 -1.50 10.94 -10.79
N GLY A 618 -1.83 10.01 -9.90
CA GLY A 618 -1.12 9.87 -8.65
C GLY A 618 -0.18 8.67 -8.58
N ALA A 619 -0.37 7.70 -9.46
CA ALA A 619 0.53 6.55 -9.54
C ALA A 619 0.58 6.04 -10.96
N SER A 620 1.79 5.80 -11.46
CA SER A 620 1.99 5.28 -12.81
C SER A 620 3.45 4.86 -13.00
N LYS A 621 3.73 4.17 -14.11
CA LYS A 621 5.11 3.80 -14.43
C LYS A 621 5.85 5.03 -14.92
N VAL A 622 6.62 5.64 -14.03
CA VAL A 622 7.40 6.82 -14.37
C VAL A 622 8.86 6.45 -14.58
N PRO A 623 9.37 6.68 -15.80
CA PRO A 623 10.80 6.40 -16.03
C PRO A 623 11.66 7.32 -15.19
N ASP A 624 12.68 6.77 -14.52
CA ASP A 624 13.58 7.58 -13.74
C ASP A 624 14.68 8.18 -14.63
N ILE A 625 15.69 8.78 -14.01
CA ILE A 625 16.77 9.43 -14.75
C ILE A 625 17.52 8.50 -15.72
N HIS A 626 17.48 7.19 -15.45
CA HIS A 626 18.11 6.21 -16.33
C HIS A 626 17.10 5.34 -17.05
N ASP A 627 15.86 5.84 -17.12
CA ASP A 627 14.79 5.17 -17.84
C ASP A 627 14.29 3.85 -17.20
N VAL A 628 14.60 3.67 -15.92
CA VAL A 628 14.01 2.57 -15.14
C VAL A 628 12.59 2.94 -14.75
N ALA A 629 11.65 2.02 -14.95
CA ALA A 629 10.26 2.28 -14.64
C ALA A 629 10.00 2.09 -13.15
N LEU A 630 9.57 3.16 -12.47
CA LEU A 630 9.25 3.06 -11.06
C LEU A 630 7.83 3.52 -10.83
N MET A 631 7.02 2.70 -10.18
CA MET A 631 5.68 3.13 -9.77
C MET A 631 5.71 3.49 -8.30
N GLU A 632 5.83 4.79 -8.01
CA GLU A 632 5.82 5.32 -6.66
C GLU A 632 4.57 6.19 -6.41
N ASP A 633 4.19 6.38 -5.15
CA ASP A 633 3.14 7.31 -4.83
C ASP A 633 3.74 8.66 -4.46
N ARG A 634 2.90 9.57 -3.94
CA ARG A 634 3.30 10.95 -3.67
C ARG A 634 4.48 11.08 -2.68
N ALA A 635 4.65 10.09 -1.83
CA ALA A 635 5.74 10.11 -0.85
C ALA A 635 7.14 10.27 -1.49
N THR A 636 7.26 9.92 -2.76
CA THR A 636 8.52 10.10 -3.48
C THR A 636 8.90 11.57 -3.52
N LEU A 637 7.88 12.43 -3.64
CA LEU A 637 8.07 13.87 -3.68
C LEU A 637 8.62 14.34 -2.34
N ARG A 638 8.06 13.83 -1.24
CA ARG A 638 8.43 14.27 0.10
C ARG A 638 9.90 13.95 0.40
N ILE A 639 10.32 12.71 0.17
CA ILE A 639 11.73 12.38 0.42
C ILE A 639 12.65 13.20 -0.50
N SER A 640 12.35 13.23 -1.79
CA SER A 640 13.18 13.95 -2.74
C SER A 640 13.30 15.44 -2.43
N SER A 641 12.17 16.08 -2.12
CA SER A 641 12.17 17.53 -1.87
C SER A 641 12.88 17.87 -0.56
N GLN A 642 12.58 17.12 0.49
CA GLN A 642 13.26 17.31 1.78
C GLN A 642 14.77 17.13 1.67
N LEU A 643 15.22 16.10 0.92
CA LEU A 643 16.65 15.91 0.74
C LEU A 643 17.30 17.14 0.12
N LEU A 644 16.71 17.65 -0.96
CA LEU A 644 17.29 18.82 -1.62
C LEU A 644 17.24 20.07 -0.72
N ALA A 645 16.15 20.20 0.02
CA ALA A 645 15.98 21.35 0.92
C ALA A 645 17.06 21.30 1.99
N ASN A 646 17.39 20.09 2.43
CA ASN A 646 18.43 19.90 3.43
C ASN A 646 19.80 20.27 2.91
N TRP A 647 20.11 19.81 1.70
CA TRP A 647 21.38 20.15 1.10
C TRP A 647 21.49 21.65 0.85
N LEU A 648 20.37 22.25 0.47
CA LEU A 648 20.27 23.67 0.25
C LEU A 648 20.55 24.44 1.54
N ARG A 649 19.88 24.02 2.61
CA ARG A 649 20.00 24.65 3.93
C ARG A 649 21.42 24.69 4.46
N HIS A 650 22.18 23.62 4.22
CA HIS A 650 23.51 23.55 4.78
C HIS A 650 24.58 23.86 3.76
N GLY A 651 24.16 24.38 2.62
CA GLY A 651 25.11 24.86 1.63
C GLY A 651 25.89 23.79 0.90
N VAL A 652 25.34 22.58 0.83
CA VAL A 652 25.91 21.56 -0.03
C VAL A 652 25.78 22.02 -1.48
N ILE A 653 24.66 22.68 -1.76
CA ILE A 653 24.38 23.20 -3.10
C ILE A 653 23.86 24.63 -3.01
N THR A 654 24.15 25.42 -4.03
CA THR A 654 23.67 26.80 -4.12
C THR A 654 22.29 26.87 -4.75
N SER A 655 21.75 28.08 -4.80
CA SER A 655 20.44 28.34 -5.41
C SER A 655 20.47 28.24 -6.94
N ALA A 656 21.57 28.69 -7.53
CA ALA A 656 21.83 28.51 -8.96
C ALA A 656 21.78 27.02 -9.31
N ASP A 657 22.58 26.24 -8.57
CA ASP A 657 22.68 24.79 -8.72
C ASP A 657 21.32 24.14 -8.94
N VAL A 658 20.40 24.36 -8.00
CA VAL A 658 19.06 23.75 -8.05
C VAL A 658 18.21 24.14 -9.25
N ARG A 659 18.33 25.41 -9.67
CA ARG A 659 17.54 25.90 -10.80
C ARG A 659 18.05 25.27 -12.08
N ALA A 660 19.38 25.22 -12.21
CA ALA A 660 20.03 24.66 -13.40
C ALA A 660 19.65 23.18 -13.62
N SER A 661 19.48 22.46 -12.52
CA SER A 661 19.12 21.04 -12.61
C SER A 661 17.69 20.86 -13.10
N LEU A 662 16.76 21.53 -12.44
CA LEU A 662 15.34 21.49 -12.85
C LEU A 662 15.17 21.80 -14.33
N GLU A 663 15.93 22.77 -14.81
CA GLU A 663 15.91 23.15 -16.22
C GLU A 663 16.54 22.09 -17.12
N ARG A 664 17.58 21.42 -16.63
CA ARG A 664 18.17 20.35 -17.41
C ARG A 664 17.21 19.17 -17.45
N MET A 665 16.58 18.86 -16.32
CA MET A 665 15.75 17.67 -16.24
C MET A 665 14.36 17.77 -16.89
N ALA A 666 13.84 19.00 -17.03
CA ALA A 666 12.51 19.22 -17.60
C ALA A 666 12.29 18.70 -19.04
N PRO A 667 13.19 19.05 -19.99
CA PRO A 667 13.03 18.47 -21.34
C PRO A 667 13.18 16.96 -21.35
N LEU A 668 14.03 16.42 -20.50
CA LEU A 668 14.21 14.97 -20.43
C LEU A 668 12.91 14.31 -20.01
N VAL A 669 12.26 14.87 -18.99
CA VAL A 669 10.96 14.38 -18.58
C VAL A 669 9.92 14.60 -19.70
N ASP A 670 10.03 15.74 -20.39
CA ASP A 670 9.18 15.98 -21.56
C ASP A 670 9.31 14.85 -22.58
N ARG A 671 10.56 14.56 -22.95
CA ARG A 671 10.82 13.48 -23.91
C ARG A 671 10.34 12.11 -23.39
N GLN A 672 10.51 11.87 -22.09
CA GLN A 672 10.05 10.62 -21.49
C GLN A 672 8.54 10.41 -21.54
N ASN A 673 7.79 11.49 -21.73
CA ASN A 673 6.33 11.37 -21.83
C ASN A 673 5.80 11.44 -23.26
N ALA A 674 6.69 11.47 -24.23
CA ALA A 674 6.29 11.34 -25.64
C ALA A 674 5.50 10.06 -25.81
N GLY A 675 4.42 10.13 -26.58
CA GLY A 675 3.54 8.98 -26.70
C GLY A 675 2.37 9.10 -25.75
N ASP A 676 2.19 10.31 -25.22
CA ASP A 676 1.01 10.66 -24.44
C ASP A 676 0.47 11.98 -24.96
N VAL A 677 -0.64 11.91 -25.68
CA VAL A 677 -1.23 13.07 -26.34
C VAL A 677 -1.62 14.16 -25.35
N ALA A 678 -2.01 13.75 -24.16
CA ALA A 678 -2.43 14.69 -23.12
C ALA A 678 -1.27 15.55 -22.61
N TYR A 679 -0.04 15.10 -22.85
CA TYR A 679 1.13 15.74 -22.27
C TYR A 679 1.40 17.14 -22.84
N ARG A 680 1.83 18.04 -21.96
CA ARG A 680 2.23 19.38 -22.35
C ARG A 680 3.64 19.65 -21.86
N PRO A 681 4.55 19.95 -22.77
CA PRO A 681 5.95 20.16 -22.40
C PRO A 681 6.13 21.27 -21.36
N MET A 682 7.09 21.09 -20.47
CA MET A 682 7.45 22.11 -19.48
C MET A 682 8.53 23.00 -20.06
N ALA A 683 9.36 22.41 -20.92
CA ALA A 683 10.38 23.17 -21.65
C ALA A 683 9.73 23.66 -22.94
N PRO A 684 10.14 24.84 -23.41
CA PRO A 684 11.22 25.68 -22.89
C PRO A 684 10.73 26.80 -21.97
N ASN A 685 9.40 26.93 -21.82
CA ASN A 685 8.83 28.02 -21.03
C ASN A 685 8.51 27.62 -19.61
N PHE A 686 9.55 27.42 -18.82
CA PHE A 686 9.42 26.93 -17.44
C PHE A 686 8.55 27.83 -16.59
N ASP A 687 8.83 29.13 -16.64
CA ASP A 687 8.15 30.08 -15.79
C ASP A 687 6.65 30.15 -16.09
N ASP A 688 6.23 29.62 -17.23
CA ASP A 688 4.81 29.54 -17.59
C ASP A 688 4.22 28.17 -17.30
N SER A 689 5.06 27.25 -16.81
CA SER A 689 4.59 25.91 -16.52
C SER A 689 4.22 25.73 -15.04
N ILE A 690 2.94 25.45 -14.77
CA ILE A 690 2.45 25.26 -13.40
C ILE A 690 3.13 24.07 -12.71
N ALA A 691 3.40 23.02 -13.50
CA ALA A 691 4.16 21.86 -13.02
C ALA A 691 5.59 22.21 -12.65
N PHE A 692 6.27 22.94 -13.53
CA PHE A 692 7.65 23.32 -13.26
C PHE A 692 7.74 24.17 -11.99
N LEU A 693 6.80 25.10 -11.84
CA LEU A 693 6.75 25.96 -10.67
C LEU A 693 6.42 25.20 -9.40
N ALA A 694 5.54 24.21 -9.50
CA ALA A 694 5.17 23.36 -8.37
C ALA A 694 6.39 22.59 -7.88
N ALA A 695 7.18 22.11 -8.83
CA ALA A 695 8.36 21.31 -8.51
C ALA A 695 9.41 22.21 -7.89
N GLN A 696 9.51 23.42 -8.42
CA GLN A 696 10.49 24.36 -7.92
C GLN A 696 10.12 24.80 -6.52
N GLU A 697 8.82 24.94 -6.26
CA GLU A 697 8.33 25.44 -4.98
C GLU A 697 8.53 24.39 -3.90
N LEU A 698 8.14 23.15 -4.21
CA LEU A 698 8.33 22.01 -3.32
C LEU A 698 9.76 21.90 -2.78
N ILE A 699 10.73 22.36 -3.57
CA ILE A 699 12.12 22.36 -3.16
C ILE A 699 12.49 23.62 -2.38
N LEU A 700 12.26 24.79 -2.98
CA LEU A 700 12.61 26.07 -2.36
C LEU A 700 11.86 26.34 -1.04
N SER A 701 10.64 25.82 -0.94
CA SER A 701 9.84 26.01 0.27
C SER A 701 9.84 24.76 1.12
N GLY A 702 10.60 23.75 0.70
CA GLY A 702 10.53 22.45 1.33
C GLY A 702 10.78 22.51 2.82
N ALA A 703 11.82 23.25 3.20
CA ALA A 703 12.20 23.36 4.60
C ALA A 703 11.09 23.92 5.48
N GLN A 704 10.17 24.67 4.90
CA GLN A 704 9.16 25.34 5.72
C GLN A 704 7.82 24.61 5.74
N GLN A 705 7.71 23.50 5.00
CA GLN A 705 6.48 22.72 5.03
C GLN A 705 6.40 21.84 6.28
N PRO A 706 5.21 21.74 6.89
CA PRO A 706 5.06 20.98 8.14
C PRO A 706 5.39 19.49 7.99
N ASN A 707 6.47 19.07 8.67
CA ASN A 707 6.97 17.70 8.61
C ASN A 707 7.35 17.30 7.20
N GLY A 708 7.73 18.29 6.40
CA GLY A 708 8.04 18.09 5.00
C GLY A 708 6.90 17.68 4.07
N TYR A 709 5.65 17.77 4.51
CA TYR A 709 4.54 17.32 3.67
C TYR A 709 4.43 18.10 2.34
N THR A 710 4.00 17.42 1.29
CA THR A 710 3.99 18.04 -0.03
C THR A 710 2.60 18.50 -0.46
N GLU A 711 1.58 18.00 0.23
CA GLU A 711 0.19 18.19 -0.19
C GLU A 711 -0.32 19.65 -0.23
N PRO A 712 0.05 20.49 0.76
CA PRO A 712 -0.27 21.91 0.65
C PRO A 712 0.19 22.55 -0.64
N ILE A 713 1.42 22.32 -1.05
CA ILE A 713 1.87 22.90 -2.31
C ILE A 713 1.13 22.24 -3.45
N LEU A 714 1.11 20.91 -3.45
CA LEU A 714 0.51 20.15 -4.54
C LEU A 714 -0.95 20.44 -4.78
N HIS A 715 -1.77 20.31 -3.73
CA HIS A 715 -3.20 20.54 -3.87
C HIS A 715 -3.46 21.93 -4.43
N ARG A 716 -2.66 22.89 -4.00
CA ARG A 716 -2.78 24.27 -4.44
C ARG A 716 -2.47 24.43 -5.92
N ARG A 717 -1.43 23.74 -6.39
CA ARG A 717 -1.00 23.86 -7.78
C ARG A 717 -1.94 23.11 -8.73
N ARG A 718 -2.47 21.99 -8.27
CA ARG A 718 -3.43 21.23 -9.07
C ARG A 718 -4.75 22.01 -9.19
N ARG A 719 -5.17 22.66 -8.12
CA ARG A 719 -6.37 23.49 -8.19
C ARG A 719 -6.12 24.67 -9.12
N GLU A 720 -4.95 25.28 -9.02
CA GLU A 720 -4.53 26.33 -9.95
C GLU A 720 -4.52 25.87 -11.43
N PHE A 721 -4.01 24.68 -11.71
CA PHE A 721 -4.03 24.15 -13.08
C PHE A 721 -5.47 23.91 -13.55
N LYS A 722 -6.29 23.36 -12.68
CA LYS A 722 -7.67 23.05 -13.01
C LYS A 722 -8.47 24.32 -13.27
N ALA A 723 -8.10 25.39 -12.58
CA ALA A 723 -8.78 26.69 -12.70
C ALA A 723 -8.31 27.42 -13.94
N ARG A 724 -7.09 27.13 -14.38
CA ARG A 724 -6.59 27.72 -15.62
C ARG A 724 -7.25 26.99 -16.78
N ALA A 725 -7.62 25.74 -16.55
CA ALA A 725 -8.24 24.93 -17.57
C ALA A 725 -9.75 25.14 -17.64
N ALA A 726 -10.28 26.01 -16.80
CA ALA A 726 -11.72 26.27 -16.75
C ALA A 726 -12.23 27.06 -17.96
N GLU A 727 -11.31 27.61 -18.75
CA GLU A 727 -11.65 28.31 -19.99
C GLU A 727 -11.04 27.65 -21.22
MG MG B . 3.20 6.98 3.05
C10 4ZF C . 4.83 2.81 -4.20
C13 4ZF C . 1.65 2.61 -5.70
C15 4ZF C . 0.35 3.22 -3.77
C17 4ZF C . 2.70 3.12 -3.53
O01 4ZF C . 6.82 4.67 2.12
C02 4ZF C . 7.06 4.09 1.05
O03 4ZF C . 8.10 3.58 0.66
C04 4ZF C . 5.86 3.93 0.06
C05 4ZF C . 5.86 3.53 -1.29
C06 4ZF C . 4.52 3.50 -1.77
N07 4ZF C . 3.69 3.87 -0.68
N08 4ZF C . 4.53 4.13 0.43
C09 4ZF C . 4.04 3.18 -3.05
N11 4ZF C . 4.09 2.55 -5.29
C12 4ZF C . 2.78 2.74 -4.91
C14 4ZF C . 0.44 2.84 -5.10
C16 4ZF C . 1.46 3.36 -2.98
#